data_6TFS
#
_entry.id   6TFS
#
_cell.length_a   156.230
_cell.length_b   156.230
_cell.length_c   182.640
_cell.angle_alpha   90.000
_cell.angle_beta   90.000
_cell.angle_gamma   120.000
#
_symmetry.space_group_name_H-M   'P 32 1 2'
#
loop_
_entity.id
_entity.type
_entity.pdbx_description
1 polymer 'ABC transporter substrate-binding protein'
2 non-polymer '(2~{S})-2-[[(3~{S},4~{R},5~{R})-3,4,5,6-tetrakis(oxidanyl)-2-oxidanylidene-hexyl]amino]pentanedioic acid'
3 non-polymer 'SULFATE ION'
4 non-polymer 'CHLORIDE ION'
5 water water
#
_entity_poly.entity_id   1
_entity_poly.type   'polypeptide(L)'
_entity_poly.pdbx_seq_one_letter_code
;(MSE)AKTELS(MSE)GVASEDVTTLDPHFATTTSDRTLVSYIYGALVRFAPGSANPSSIEADLAESWESNADQLVWTFK
LRPDVKWQGGYGNVTADDVVFSLDKARDPKRSAFSGDYAAIQKVEAVDAKTVRITLTRRVPSLLALLSNFSGGFIIPKKA
FKERGDDFKRRPVGFGPFQVESIQPGQSVTLTANAEYFRGKPKLSKISYRFLNNEAARDLAFESGELDVEQGNQDQRWLQ
RLTANPENVVDTIEPAELNLLHINITKPPFNDIRVRQALAHTVNAAQIAKYRGERVNRAVPSVIPSNNLGFDPDAGVLNY
DPAQSKKLLAEAGFPNGVTVT(MSE)VASQLPGLESLAQLIQAQVAEGGFTLNLQPVEHAAWHQ(MSE)IRKDLSPIVLY
GAARFPIADYYLTQFYHSASEIGKPTQVVNFSHCNVADKQIEAARTETDPNKQIELWKEAQKLIVSNVCAIPLTENLGTW
ARKNKLGWGFELKGS(MSE)PSAPLITEQTYFKDHHHHHH
;
_entity_poly.pdbx_strand_id   A,B
#
# COMPACT_ATOMS: atom_id res chain seq x y z
N ALA A 2 43.04 -14.45 -4.75
CA ALA A 2 42.52 -13.39 -3.88
C ALA A 2 41.02 -13.61 -3.56
N LYS A 3 40.40 -12.62 -2.90
CA LYS A 3 38.98 -12.60 -2.55
C LYS A 3 38.17 -12.42 -3.85
N THR A 4 37.13 -13.26 -4.06
CA THR A 4 36.26 -13.19 -5.25
C THR A 4 34.77 -13.06 -4.87
N GLU A 5 34.45 -13.06 -3.57
CA GLU A 5 33.06 -12.93 -3.12
C GLU A 5 32.76 -11.55 -2.53
N LEU A 6 31.89 -10.79 -3.19
CA LEU A 6 31.52 -9.44 -2.78
C LEU A 6 30.21 -9.42 -1.96
N SER A 7 30.20 -8.68 -0.84
CA SER A 7 29.03 -8.45 0.01
C SER A 7 28.65 -6.98 -0.08
N GLY A 9 25.41 -4.10 0.81
CA GLY A 9 24.23 -3.74 1.61
C GLY A 9 23.52 -2.52 1.06
N VAL A 10 22.21 -2.65 0.78
CA VAL A 10 21.42 -1.59 0.15
C VAL A 10 20.23 -1.11 1.01
N ALA A 11 19.76 0.13 0.77
CA ALA A 11 18.59 0.68 1.47
C ALA A 11 17.32 0.15 0.77
N SER A 12 16.98 -1.11 1.03
CA SER A 12 15.83 -1.80 0.45
C SER A 12 15.40 -2.95 1.34
N GLU A 13 14.11 -3.30 1.29
CA GLU A 13 13.55 -4.41 2.05
C GLU A 13 13.57 -5.72 1.28
N ASP A 14 13.50 -5.65 -0.07
CA ASP A 14 13.35 -6.86 -0.89
C ASP A 14 13.44 -6.59 -2.39
N VAL A 15 13.43 -7.65 -3.19
CA VAL A 15 13.35 -7.56 -4.64
C VAL A 15 11.88 -7.53 -4.96
N THR A 16 11.46 -6.63 -5.84
CA THR A 16 10.06 -6.63 -6.27
C THR A 16 10.00 -7.38 -7.60
N THR A 17 10.81 -6.95 -8.57
CA THR A 17 10.84 -7.57 -9.88
C THR A 17 12.20 -7.42 -10.54
N LEU A 18 12.64 -8.49 -11.22
CA LEU A 18 13.87 -8.48 -12.00
C LEU A 18 13.57 -8.56 -13.50
N ASP A 19 12.30 -8.30 -13.88
CA ASP A 19 11.90 -8.14 -15.29
C ASP A 19 12.28 -6.64 -15.52
N PRO A 20 13.24 -6.36 -16.45
CA PRO A 20 13.70 -4.96 -16.64
C PRO A 20 12.65 -4.00 -17.20
N HIS A 21 11.57 -4.52 -17.82
CA HIS A 21 10.48 -3.67 -18.30
C HIS A 21 9.58 -3.18 -17.15
N PHE A 22 9.80 -3.71 -15.90
CA PHE A 22 9.05 -3.33 -14.70
C PHE A 22 9.92 -2.79 -13.56
N ALA A 23 11.22 -3.19 -13.49
CA ALA A 23 12.15 -2.76 -12.42
C ALA A 23 12.24 -1.22 -12.33
N THR A 24 11.72 -0.67 -11.21
CA THR A 24 11.56 0.77 -10.99
C THR A 24 12.31 1.29 -9.76
N THR A 25 12.26 0.56 -8.64
CA THR A 25 12.97 0.98 -7.44
C THR A 25 14.47 0.95 -7.73
N THR A 26 15.24 1.81 -7.05
CA THR A 26 16.70 1.86 -7.21
C THR A 26 17.30 0.45 -7.05
N SER A 27 16.88 -0.29 -6.02
CA SER A 27 17.39 -1.64 -5.76
C SER A 27 17.12 -2.63 -6.91
N ASP A 28 15.88 -2.67 -7.45
CA ASP A 28 15.57 -3.55 -8.57
C ASP A 28 16.37 -3.16 -9.83
N ARG A 29 16.48 -1.84 -10.11
CA ARG A 29 17.24 -1.29 -11.25
C ARG A 29 18.72 -1.62 -11.15
N THR A 30 19.28 -1.59 -9.92
CA THR A 30 20.67 -1.93 -9.66
C THR A 30 20.93 -3.40 -10.01
N LEU A 31 20.09 -4.32 -9.48
CA LEU A 31 20.23 -5.75 -9.76
C LEU A 31 20.10 -6.03 -11.26
N VAL A 32 19.15 -5.39 -11.92
CA VAL A 32 18.88 -5.52 -13.36
C VAL A 32 20.12 -5.07 -14.21
N SER A 33 20.83 -3.99 -13.78
CA SER A 33 22.05 -3.50 -14.45
C SER A 33 23.22 -4.52 -14.34
N TYR A 34 23.15 -5.47 -13.39
CA TYR A 34 24.20 -6.50 -13.20
C TYR A 34 23.93 -7.75 -14.05
N ILE A 35 22.64 -8.03 -14.32
CA ILE A 35 22.15 -9.23 -14.99
C ILE A 35 22.03 -9.10 -16.51
N TYR A 36 21.57 -7.95 -16.96
CA TYR A 36 21.27 -7.74 -18.36
C TYR A 36 22.21 -6.78 -19.04
N GLY A 37 22.11 -6.81 -20.36
CA GLY A 37 22.74 -5.89 -21.29
C GLY A 37 21.66 -5.39 -22.24
N ALA A 38 22.06 -4.55 -23.19
CA ALA A 38 21.17 -3.93 -24.17
C ALA A 38 21.86 -3.88 -25.55
N LEU A 39 21.16 -3.37 -26.59
CA LEU A 39 21.76 -3.21 -27.92
C LEU A 39 22.99 -2.30 -27.81
N VAL A 40 22.82 -1.17 -27.11
CA VAL A 40 23.87 -0.20 -26.85
C VAL A 40 23.99 0.02 -25.34
N ARG A 41 25.10 0.60 -24.89
CA ARG A 41 25.26 0.86 -23.47
C ARG A 41 26.01 2.13 -23.18
N PHE A 42 25.83 2.59 -21.94
CA PHE A 42 26.63 3.67 -21.37
C PHE A 42 27.99 3.02 -21.08
N ALA A 43 29.09 3.78 -21.18
CA ALA A 43 30.38 3.21 -20.82
C ALA A 43 30.36 2.90 -19.29
N PRO A 44 30.90 1.75 -18.82
CA PRO A 44 30.92 1.50 -17.35
C PRO A 44 31.58 2.65 -16.58
N GLY A 45 30.90 3.12 -15.54
CA GLY A 45 31.36 4.25 -14.73
C GLY A 45 30.89 5.60 -15.22
N SER A 46 30.07 5.62 -16.28
CA SER A 46 29.52 6.84 -16.84
C SER A 46 28.00 6.80 -16.87
N ALA A 47 27.34 7.94 -16.58
CA ALA A 47 25.88 8.11 -16.71
C ALA A 47 25.69 9.18 -17.82
N ASN A 48 26.77 9.49 -18.57
CA ASN A 48 26.84 10.49 -19.65
C ASN A 48 26.47 9.91 -21.04
N PRO A 49 25.36 10.37 -21.67
CA PRO A 49 24.95 9.87 -23.00
C PRO A 49 26.01 9.92 -24.10
N SER A 50 27.03 10.81 -24.00
CA SER A 50 28.13 10.93 -24.97
CA SER A 50 28.12 10.92 -24.97
C SER A 50 28.97 9.64 -25.00
N SER A 51 28.85 8.79 -23.94
CA SER A 51 29.58 7.53 -23.79
C SER A 51 28.85 6.32 -24.44
N ILE A 52 27.62 6.53 -24.98
CA ILE A 52 26.81 5.44 -25.56
C ILE A 52 27.61 4.77 -26.71
N GLU A 53 27.78 3.47 -26.58
CA GLU A 53 28.64 2.67 -27.44
C GLU A 53 28.05 1.29 -27.64
N ALA A 54 28.69 0.50 -28.52
CA ALA A 54 28.29 -0.86 -28.83
C ALA A 54 28.20 -1.77 -27.57
N ASP A 55 27.13 -2.56 -27.49
CA ASP A 55 26.94 -3.58 -26.45
C ASP A 55 26.57 -4.89 -27.20
N LEU A 56 25.30 -5.34 -27.21
CA LEU A 56 24.89 -6.50 -28.01
C LEU A 56 25.04 -6.18 -29.51
N ALA A 57 24.63 -4.95 -29.88
CA ALA A 57 24.78 -4.48 -31.25
C ALA A 57 26.21 -4.05 -31.44
N GLU A 58 26.89 -4.64 -32.41
CA GLU A 58 28.26 -4.31 -32.80
C GLU A 58 28.28 -2.90 -33.42
N SER A 59 27.32 -2.64 -34.34
CA SER A 59 27.21 -1.38 -35.08
C SER A 59 25.76 -1.10 -35.47
N TRP A 60 25.51 0.11 -35.98
CA TRP A 60 24.19 0.55 -36.40
C TRP A 60 24.27 1.61 -37.49
N GLU A 61 23.15 1.79 -38.19
CA GLU A 61 22.97 2.72 -39.29
C GLU A 61 21.59 3.35 -39.17
N SER A 62 21.48 4.59 -39.62
CA SER A 62 20.21 5.29 -39.66
C SER A 62 20.07 5.95 -41.03
N ASN A 63 18.84 6.22 -41.46
CA ASN A 63 18.61 6.94 -42.71
C ASN A 63 18.59 8.46 -42.35
N ALA A 64 18.55 9.34 -43.35
CA ALA A 64 18.56 10.78 -43.16
C ALA A 64 17.41 11.35 -42.33
N ASP A 65 16.18 10.81 -42.46
CA ASP A 65 15.04 11.33 -41.69
C ASP A 65 15.02 10.84 -40.24
N GLN A 66 16.00 9.96 -39.89
CA GLN A 66 16.21 9.39 -38.55
C GLN A 66 15.01 8.54 -38.07
N LEU A 67 14.23 7.96 -39.02
CA LEU A 67 13.07 7.11 -38.69
C LEU A 67 13.38 5.62 -38.81
N VAL A 68 14.38 5.23 -39.62
CA VAL A 68 14.72 3.82 -39.80
C VAL A 68 16.13 3.55 -39.26
N TRP A 69 16.22 2.70 -38.22
CA TRP A 69 17.48 2.35 -37.57
C TRP A 69 17.77 0.86 -37.67
N THR A 70 18.96 0.52 -38.19
CA THR A 70 19.36 -0.88 -38.39
C THR A 70 20.54 -1.24 -37.50
N PHE A 71 20.39 -2.30 -36.71
CA PHE A 71 21.39 -2.77 -35.77
C PHE A 71 21.95 -4.13 -36.17
N LYS A 72 23.28 -4.22 -36.20
CA LYS A 72 23.99 -5.46 -36.52
C LYS A 72 24.46 -6.04 -35.20
N LEU A 73 23.98 -7.25 -34.89
CA LEU A 73 24.27 -7.91 -33.62
C LEU A 73 25.60 -8.65 -33.62
N ARG A 74 26.28 -8.67 -32.46
CA ARG A 74 27.50 -9.46 -32.26
C ARG A 74 27.05 -10.94 -32.33
N PRO A 75 27.76 -11.84 -33.02
CA PRO A 75 27.29 -13.25 -33.11
C PRO A 75 27.66 -14.14 -31.90
N ASP A 76 28.67 -13.73 -31.11
CA ASP A 76 29.23 -14.51 -30.00
C ASP A 76 28.49 -14.42 -28.63
N VAL A 77 27.40 -13.63 -28.53
CA VAL A 77 26.72 -13.38 -27.25
C VAL A 77 25.78 -14.52 -26.83
N LYS A 78 26.07 -15.10 -25.67
CA LYS A 78 25.31 -16.22 -25.10
C LYS A 78 24.42 -15.77 -23.95
N TRP A 79 23.21 -16.33 -23.88
CA TRP A 79 22.30 -16.13 -22.77
C TRP A 79 22.78 -16.96 -21.59
N GLN A 80 22.38 -16.55 -20.37
CA GLN A 80 22.63 -17.33 -19.14
C GLN A 80 21.63 -18.50 -19.19
N GLY A 81 21.79 -19.48 -18.29
CA GLY A 81 20.90 -20.62 -18.13
C GLY A 81 20.64 -21.50 -19.34
N GLY A 82 21.64 -21.59 -20.22
CA GLY A 82 21.62 -22.43 -21.41
C GLY A 82 20.63 -22.09 -22.50
N TYR A 83 20.21 -20.81 -22.62
CA TYR A 83 19.26 -20.43 -23.67
C TYR A 83 19.94 -20.14 -25.05
N GLY A 84 21.24 -20.41 -25.15
CA GLY A 84 22.02 -20.28 -26.38
C GLY A 84 22.33 -18.87 -26.81
N ASN A 85 22.57 -18.69 -28.10
CA ASN A 85 22.91 -17.40 -28.71
C ASN A 85 21.77 -16.40 -28.68
N VAL A 86 22.11 -15.13 -28.45
CA VAL A 86 21.17 -14.01 -28.47
C VAL A 86 20.91 -13.71 -29.95
N THR A 87 19.65 -13.74 -30.36
CA THR A 87 19.27 -13.51 -31.77
C THR A 87 18.43 -12.25 -31.96
N ALA A 88 18.22 -11.86 -33.23
CA ALA A 88 17.37 -10.72 -33.59
C ALA A 88 15.92 -10.94 -33.12
N ASP A 89 15.45 -12.22 -33.09
CA ASP A 89 14.12 -12.61 -32.59
C ASP A 89 13.95 -12.24 -31.11
N ASP A 90 15.02 -12.37 -30.29
CA ASP A 90 15.02 -11.95 -28.87
C ASP A 90 14.87 -10.44 -28.74
N VAL A 91 15.56 -9.67 -29.60
CA VAL A 91 15.51 -8.20 -29.62
C VAL A 91 14.10 -7.74 -30.01
N VAL A 92 13.53 -8.34 -31.08
CA VAL A 92 12.17 -8.06 -31.56
C VAL A 92 11.18 -8.32 -30.41
N PHE A 93 11.26 -9.51 -29.76
CA PHE A 93 10.40 -9.85 -28.63
C PHE A 93 10.54 -8.85 -27.48
N SER A 94 11.80 -8.54 -27.06
CA SER A 94 12.07 -7.62 -25.95
C SER A 94 11.51 -6.23 -26.20
N LEU A 95 11.80 -5.66 -27.39
CA LEU A 95 11.35 -4.30 -27.75
C LEU A 95 9.85 -4.22 -27.96
N ASP A 96 9.21 -5.27 -28.53
CA ASP A 96 7.76 -5.33 -28.67
C ASP A 96 7.09 -5.42 -27.30
N LYS A 97 7.75 -6.08 -26.33
CA LYS A 97 7.28 -6.18 -24.94
C LYS A 97 7.45 -4.82 -24.23
N ALA A 98 8.66 -4.21 -24.38
CA ALA A 98 8.98 -2.90 -23.80
C ALA A 98 7.99 -1.81 -24.24
N ARG A 99 7.51 -1.86 -25.50
CA ARG A 99 6.59 -0.84 -26.03
C ARG A 99 5.10 -1.15 -25.78
N ASP A 100 4.80 -2.28 -25.12
CA ASP A 100 3.44 -2.71 -24.80
C ASP A 100 3.05 -2.25 -23.37
N PRO A 101 2.04 -1.34 -23.23
CA PRO A 101 1.64 -0.89 -21.88
C PRO A 101 1.10 -1.97 -20.94
N LYS A 102 0.68 -3.12 -21.49
CA LYS A 102 0.19 -4.26 -20.71
C LYS A 102 1.34 -5.15 -20.20
N ARG A 103 2.54 -5.06 -20.83
CA ARG A 103 3.69 -5.91 -20.49
C ARG A 103 4.95 -5.11 -20.11
N SER A 104 4.78 -3.81 -19.81
CA SER A 104 5.89 -2.92 -19.50
C SER A 104 5.41 -1.67 -18.76
N ALA A 105 6.23 -1.20 -17.81
CA ALA A 105 6.02 0.03 -17.05
C ALA A 105 6.60 1.22 -17.85
N PHE A 106 7.38 0.94 -18.92
CA PHE A 106 8.06 1.99 -19.67
C PHE A 106 7.64 2.13 -21.15
N SER A 107 6.42 1.66 -21.49
CA SER A 107 5.90 1.70 -22.88
C SER A 107 5.85 3.09 -23.53
N GLY A 108 5.53 4.12 -22.74
CA GLY A 108 5.45 5.50 -23.18
C GLY A 108 6.71 6.02 -23.86
N ASP A 109 7.90 5.59 -23.38
CA ASP A 109 9.20 5.93 -23.98
C ASP A 109 9.31 5.46 -25.44
N TYR A 110 8.60 4.37 -25.78
CA TYR A 110 8.64 3.70 -27.08
C TYR A 110 7.43 3.96 -27.96
N ALA A 111 6.59 4.95 -27.60
CA ALA A 111 5.36 5.32 -28.32
C ALA A 111 5.57 5.58 -29.82
N ALA A 112 6.70 6.21 -30.20
CA ALA A 112 7.00 6.51 -31.61
C ALA A 112 7.41 5.29 -32.45
N ILE A 113 7.75 4.14 -31.82
CA ILE A 113 8.10 2.92 -32.59
C ILE A 113 6.86 2.40 -33.32
N GLN A 114 6.97 2.24 -34.64
CA GLN A 114 5.93 1.68 -35.50
C GLN A 114 6.09 0.16 -35.56
N LYS A 115 7.33 -0.32 -35.82
CA LYS A 115 7.66 -1.75 -35.90
C LYS A 115 9.14 -2.07 -35.63
N VAL A 116 9.38 -3.30 -35.18
CA VAL A 116 10.69 -3.89 -34.88
C VAL A 116 10.73 -5.20 -35.66
N GLU A 117 11.71 -5.33 -36.56
CA GLU A 117 11.82 -6.49 -37.44
C GLU A 117 13.16 -7.17 -37.37
N ALA A 118 13.14 -8.51 -37.45
CA ALA A 118 14.35 -9.32 -37.52
C ALA A 118 14.60 -9.52 -39.03
N VAL A 119 15.52 -8.71 -39.62
CA VAL A 119 15.86 -8.78 -41.05
C VAL A 119 16.48 -10.18 -41.34
N ASP A 120 17.37 -10.62 -40.44
CA ASP A 120 18.01 -11.94 -40.40
C ASP A 120 18.35 -12.20 -38.93
N ALA A 121 18.95 -13.35 -38.57
CA ALA A 121 19.27 -13.70 -37.18
C ALA A 121 20.19 -12.70 -36.43
N LYS A 122 20.96 -11.87 -37.17
CA LYS A 122 21.90 -10.89 -36.60
C LYS A 122 21.55 -9.43 -36.98
N THR A 123 20.37 -9.18 -37.57
CA THR A 123 19.99 -7.84 -38.03
C THR A 123 18.59 -7.43 -37.55
N VAL A 124 18.52 -6.30 -36.84
CA VAL A 124 17.29 -5.74 -36.29
C VAL A 124 17.01 -4.38 -36.94
N ARG A 125 15.82 -4.22 -37.53
CA ARG A 125 15.41 -2.93 -38.10
C ARG A 125 14.28 -2.35 -37.22
N ILE A 126 14.45 -1.10 -36.79
CA ILE A 126 13.48 -0.35 -35.99
C ILE A 126 12.97 0.80 -36.84
N THR A 127 11.64 0.85 -37.03
CA THR A 127 10.98 1.90 -37.81
C THR A 127 10.17 2.76 -36.86
N LEU A 128 10.36 4.08 -36.97
CA LEU A 128 9.65 5.07 -36.15
C LEU A 128 8.57 5.77 -36.98
N THR A 129 7.43 6.08 -36.34
CA THR A 129 6.29 6.80 -36.92
C THR A 129 6.67 8.28 -37.09
N ARG A 130 7.42 8.80 -36.11
CA ARG A 130 7.88 10.19 -36.02
C ARG A 130 9.25 10.19 -35.30
N ARG A 131 9.96 11.31 -35.37
CA ARG A 131 11.27 11.49 -34.76
C ARG A 131 11.23 11.47 -33.24
N VAL A 132 12.31 10.97 -32.64
CA VAL A 132 12.51 10.98 -31.19
C VAL A 132 13.79 11.77 -30.88
N PRO A 133 13.88 12.47 -29.71
CA PRO A 133 15.13 13.19 -29.38
C PRO A 133 16.39 12.34 -29.55
N SER A 134 16.35 11.06 -29.12
CA SER A 134 17.46 10.13 -29.23
C SER A 134 16.95 8.69 -29.21
N LEU A 135 17.01 8.01 -30.36
CA LEU A 135 16.60 6.62 -30.41
C LEU A 135 17.59 5.74 -29.63
N LEU A 136 18.90 6.04 -29.71
CA LEU A 136 19.94 5.30 -28.99
C LEU A 136 19.70 5.28 -27.48
N ALA A 137 19.16 6.39 -26.91
CA ALA A 137 18.78 6.53 -25.50
C ALA A 137 17.78 5.44 -25.05
N LEU A 138 16.77 5.18 -25.89
CA LEU A 138 15.72 4.18 -25.68
C LEU A 138 16.28 2.76 -25.71
N LEU A 139 17.42 2.56 -26.38
CA LEU A 139 18.00 1.24 -26.55
C LEU A 139 19.22 0.98 -25.67
N SER A 140 19.52 1.92 -24.77
CA SER A 140 20.63 1.80 -23.82
C SER A 140 20.28 0.90 -22.62
N ASN A 141 21.30 0.53 -21.81
CA ASN A 141 21.16 -0.35 -20.65
C ASN A 141 20.52 0.36 -19.46
N PHE A 142 19.25 0.76 -19.62
CA PHE A 142 18.43 1.42 -18.62
C PHE A 142 16.97 1.26 -18.99
N SER A 143 16.09 1.13 -17.98
CA SER A 143 14.63 0.98 -18.15
C SER A 143 14.27 -0.10 -19.18
N GLY A 144 13.54 0.27 -20.24
CA GLY A 144 13.05 -0.67 -21.27
C GLY A 144 14.02 -1.14 -22.32
N GLY A 145 15.26 -0.62 -22.29
CA GLY A 145 16.28 -0.98 -23.28
C GLY A 145 16.91 -2.35 -23.12
N PHE A 146 16.93 -2.88 -21.89
CA PHE A 146 17.49 -4.22 -21.61
C PHE A 146 16.81 -5.34 -22.43
N ILE A 147 17.63 -6.25 -22.97
CA ILE A 147 17.16 -7.37 -23.81
C ILE A 147 17.02 -8.63 -22.97
N ILE A 148 15.88 -9.32 -23.16
CA ILE A 148 15.50 -10.57 -22.48
C ILE A 148 15.29 -11.71 -23.51
N PRO A 149 15.42 -12.99 -23.12
CA PRO A 149 15.19 -14.07 -24.10
C PRO A 149 13.72 -14.39 -24.27
N LYS A 150 13.26 -14.45 -25.53
CA LYS A 150 11.89 -14.80 -25.90
C LYS A 150 11.49 -16.16 -25.27
N LYS A 151 12.33 -17.19 -25.46
CA LYS A 151 12.09 -18.56 -24.96
C LYS A 151 12.05 -18.63 -23.44
N ALA A 152 12.99 -17.92 -22.74
CA ALA A 152 13.01 -17.91 -21.28
C ALA A 152 11.77 -17.22 -20.71
N PHE A 153 11.33 -16.09 -21.32
CA PHE A 153 10.12 -15.39 -20.85
C PHE A 153 8.86 -16.22 -21.09
N LYS A 154 8.76 -16.88 -22.26
CA LYS A 154 7.62 -17.73 -22.61
C LYS A 154 7.49 -18.94 -21.67
N GLU A 155 8.63 -19.56 -21.30
CA GLU A 155 8.68 -20.71 -20.39
C GLU A 155 8.40 -20.33 -18.94
N ARG A 156 9.05 -19.26 -18.44
CA ARG A 156 8.97 -18.87 -17.03
C ARG A 156 7.77 -17.98 -16.66
N GLY A 157 7.27 -17.19 -17.62
CA GLY A 157 6.13 -16.29 -17.42
C GLY A 157 6.20 -15.43 -16.17
N ASP A 158 5.25 -15.67 -15.23
CA ASP A 158 5.14 -14.97 -13.94
C ASP A 158 6.35 -15.20 -13.03
N ASP A 159 7.09 -16.31 -13.23
CA ASP A 159 8.30 -16.62 -12.45
C ASP A 159 9.55 -15.93 -13.00
N PHE A 160 9.50 -15.38 -14.23
CA PHE A 160 10.65 -14.70 -14.83
C PHE A 160 11.17 -13.57 -13.94
N LYS A 161 10.27 -12.79 -13.31
CA LYS A 161 10.64 -11.68 -12.40
C LYS A 161 11.47 -12.13 -11.18
N ARG A 162 11.40 -13.42 -10.82
CA ARG A 162 12.12 -14.07 -9.69
C ARG A 162 13.25 -14.95 -10.19
N ARG A 163 13.19 -15.39 -11.45
CA ARG A 163 14.19 -16.27 -12.09
C ARG A 163 14.65 -15.60 -13.40
N PRO A 164 15.32 -14.42 -13.30
CA PRO A 164 15.69 -13.69 -14.54
C PRO A 164 16.79 -14.34 -15.37
N VAL A 165 16.74 -14.12 -16.67
CA VAL A 165 17.75 -14.61 -17.63
C VAL A 165 18.22 -13.42 -18.46
N GLY A 166 19.50 -13.10 -18.33
CA GLY A 166 20.14 -12.03 -19.11
C GLY A 166 21.37 -12.52 -19.83
N PHE A 167 22.11 -11.59 -20.47
CA PHE A 167 23.38 -11.91 -21.10
C PHE A 167 24.51 -11.11 -20.43
N GLY A 168 24.17 -10.43 -19.34
CA GLY A 168 25.07 -9.62 -18.52
C GLY A 168 26.09 -10.43 -17.75
N PRO A 169 27.06 -9.75 -17.10
CA PRO A 169 28.16 -10.48 -16.42
C PRO A 169 27.79 -11.31 -15.19
N PHE A 170 26.60 -11.07 -14.60
CA PHE A 170 26.16 -11.82 -13.44
C PHE A 170 24.78 -12.41 -13.61
N GLN A 171 24.57 -13.58 -13.03
CA GLN A 171 23.29 -14.27 -13.08
C GLN A 171 22.75 -14.48 -11.67
N VAL A 172 21.44 -14.52 -11.55
CA VAL A 172 20.81 -14.77 -10.25
C VAL A 172 20.84 -16.28 -9.98
N GLU A 173 21.58 -16.68 -8.94
CA GLU A 173 21.63 -18.07 -8.52
C GLU A 173 20.38 -18.36 -7.68
N SER A 174 20.05 -17.48 -6.73
CA SER A 174 18.88 -17.62 -5.85
C SER A 174 18.48 -16.31 -5.20
N ILE A 175 17.21 -16.24 -4.79
CA ILE A 175 16.65 -15.12 -4.04
C ILE A 175 16.25 -15.66 -2.66
N GLN A 176 16.66 -14.95 -1.60
CA GLN A 176 16.30 -15.26 -0.22
C GLN A 176 15.34 -14.11 0.14
N PRO A 177 14.01 -14.30 -0.09
CA PRO A 177 13.04 -13.18 0.07
C PRO A 177 13.20 -12.37 1.36
N GLY A 178 13.36 -11.05 1.18
CA GLY A 178 13.53 -10.09 2.26
C GLY A 178 14.88 -10.13 2.95
N GLN A 179 15.84 -10.88 2.40
CA GLN A 179 17.16 -11.06 3.03
C GLN A 179 18.28 -10.68 2.06
N SER A 180 18.38 -11.39 0.95
CA SER A 180 19.42 -11.15 -0.05
C SER A 180 19.12 -11.79 -1.40
N VAL A 181 19.94 -11.42 -2.38
CA VAL A 181 19.98 -11.99 -3.72
C VAL A 181 21.42 -12.51 -3.87
N THR A 182 21.55 -13.78 -4.26
CA THR A 182 22.84 -14.39 -4.54
C THR A 182 23.04 -14.38 -6.05
N LEU A 183 24.09 -13.68 -6.49
CA LEU A 183 24.44 -13.62 -7.89
C LEU A 183 25.78 -14.32 -8.08
N THR A 184 25.91 -15.04 -9.18
CA THR A 184 27.18 -15.69 -9.51
C THR A 184 27.67 -15.16 -10.85
N ALA A 185 28.98 -15.28 -11.08
CA ALA A 185 29.61 -14.87 -12.32
C ALA A 185 29.03 -15.65 -13.49
N ASN A 186 28.75 -14.94 -14.60
CA ASN A 186 28.33 -15.58 -15.84
C ASN A 186 29.66 -15.93 -16.52
N ALA A 187 30.09 -17.20 -16.41
CA ALA A 187 31.37 -17.69 -16.96
C ALA A 187 31.47 -17.52 -18.48
N GLU A 188 30.32 -17.51 -19.18
CA GLU A 188 30.25 -17.35 -20.63
C GLU A 188 30.06 -15.89 -21.10
N TYR A 189 30.20 -14.89 -20.18
CA TYR A 189 30.04 -13.48 -20.54
C TYR A 189 30.97 -13.12 -21.73
N PHE A 190 30.39 -12.52 -22.81
CA PHE A 190 31.08 -12.26 -24.08
C PHE A 190 32.32 -11.36 -23.96
N ARG A 191 32.41 -10.50 -22.93
CA ARG A 191 33.61 -9.64 -22.75
C ARG A 191 34.69 -10.30 -21.89
N GLY A 192 34.39 -11.47 -21.36
CA GLY A 192 35.31 -12.23 -20.53
C GLY A 192 34.70 -12.61 -19.20
N LYS A 193 35.25 -13.68 -18.60
CA LYS A 193 34.83 -14.22 -17.31
C LYS A 193 35.05 -13.18 -16.20
N PRO A 194 34.02 -12.88 -15.37
CA PRO A 194 34.20 -11.93 -14.27
C PRO A 194 35.28 -12.33 -13.27
N LYS A 195 35.93 -11.31 -12.67
CA LYS A 195 36.95 -11.50 -11.63
C LYS A 195 36.27 -11.90 -10.32
N LEU A 196 35.01 -11.45 -10.12
CA LEU A 196 34.24 -11.85 -8.95
C LEU A 196 33.52 -13.16 -9.28
N SER A 197 33.44 -14.07 -8.31
CA SER A 197 32.73 -15.33 -8.49
C SER A 197 31.30 -15.22 -7.97
N LYS A 198 31.09 -14.38 -6.94
CA LYS A 198 29.80 -14.26 -6.26
C LYS A 198 29.52 -12.87 -5.71
N ILE A 199 28.24 -12.45 -5.74
CA ILE A 199 27.74 -11.22 -5.15
C ILE A 199 26.63 -11.61 -4.18
N SER A 200 26.77 -11.19 -2.92
CA SER A 200 25.76 -11.32 -1.88
C SER A 200 25.19 -9.91 -1.71
N TYR A 201 24.05 -9.66 -2.38
CA TYR A 201 23.33 -8.38 -2.41
C TYR A 201 22.25 -8.42 -1.31
N ARG A 202 22.53 -7.74 -0.19
CA ARG A 202 21.76 -7.76 1.05
C ARG A 202 20.85 -6.56 1.28
N PHE A 203 19.63 -6.88 1.72
CA PHE A 203 18.56 -5.93 2.04
C PHE A 203 18.72 -5.48 3.48
N LEU A 204 19.28 -4.28 3.66
CA LEU A 204 19.58 -3.68 4.95
C LEU A 204 19.07 -2.24 4.98
N ASN A 205 17.72 -2.10 4.95
CA ASN A 205 17.01 -0.82 4.92
C ASN A 205 17.38 0.14 6.09
N ASN A 206 17.47 -0.39 7.32
CA ASN A 206 17.85 0.40 8.50
C ASN A 206 19.29 0.92 8.36
N GLU A 207 19.44 2.26 8.35
CA GLU A 207 20.74 2.94 8.14
C GLU A 207 21.77 2.65 9.24
N ALA A 208 21.37 2.69 10.51
CA ALA A 208 22.29 2.42 11.62
C ALA A 208 22.82 0.96 11.58
N ALA A 209 21.94 -0.01 11.26
CA ALA A 209 22.32 -1.42 11.13
C ALA A 209 23.25 -1.67 9.90
N ARG A 210 22.95 -1.05 8.74
CA ARG A 210 23.77 -1.16 7.53
C ARG A 210 25.17 -0.56 7.77
N ASP A 211 25.25 0.61 8.47
CA ASP A 211 26.50 1.28 8.83
C ASP A 211 27.34 0.38 9.74
N LEU A 212 26.69 -0.30 10.73
CA LEU A 212 27.40 -1.24 11.62
C LEU A 212 27.96 -2.42 10.82
N ALA A 213 27.17 -2.97 9.88
CA ALA A 213 27.59 -4.10 9.04
C ALA A 213 28.78 -3.69 8.14
N PHE A 214 28.74 -2.49 7.51
CA PHE A 214 29.88 -2.02 6.71
C PHE A 214 31.12 -1.75 7.59
N GLU A 215 30.96 -1.09 8.74
CA GLU A 215 32.09 -0.79 9.64
C GLU A 215 32.84 -2.06 10.10
N SER A 216 32.11 -3.13 10.44
CA SER A 216 32.68 -4.40 10.92
C SER A 216 33.38 -5.24 9.83
N GLY A 217 33.19 -4.90 8.57
CA GLY A 217 33.75 -5.63 7.43
C GLY A 217 32.80 -6.67 6.86
N GLU A 218 31.55 -6.77 7.40
CA GLU A 218 30.50 -7.69 6.94
C GLU A 218 30.12 -7.34 5.49
N LEU A 219 30.16 -6.04 5.16
CA LEU A 219 29.89 -5.55 3.82
C LEU A 219 31.16 -4.91 3.26
N ASP A 220 31.37 -5.12 1.96
CA ASP A 220 32.48 -4.53 1.21
C ASP A 220 31.99 -3.23 0.58
N VAL A 221 30.65 -3.13 0.37
CA VAL A 221 29.96 -1.98 -0.21
C VAL A 221 28.68 -1.70 0.58
N GLU A 222 28.39 -0.42 0.83
CA GLU A 222 27.15 -0.02 1.48
C GLU A 222 26.55 1.23 0.85
N GLN A 223 25.22 1.29 0.82
CA GLN A 223 24.53 2.48 0.37
C GLN A 223 24.59 3.47 1.54
N GLY A 224 24.86 4.73 1.23
CA GLY A 224 24.85 5.81 2.20
C GLY A 224 23.52 6.51 2.23
N ASN A 225 23.52 7.76 2.69
CA ASN A 225 22.32 8.58 2.72
C ASN A 225 22.65 9.98 2.14
N GLN A 226 21.77 10.99 2.32
CA GLN A 226 22.00 12.34 1.77
C GLN A 226 22.61 13.33 2.75
N ASP A 227 22.98 12.85 3.96
CA ASP A 227 23.54 13.65 5.04
C ASP A 227 25.06 13.72 4.96
N GLN A 228 25.62 14.96 4.97
CA GLN A 228 27.07 15.21 4.88
C GLN A 228 27.85 14.60 6.07
N ARG A 229 27.16 14.36 7.18
CA ARG A 229 27.72 13.74 8.39
C ARG A 229 28.14 12.27 8.11
N TRP A 230 27.31 11.53 7.32
CA TRP A 230 27.58 10.15 6.90
C TRP A 230 28.87 10.17 6.04
N LEU A 231 28.90 11.07 5.05
CA LEU A 231 30.01 11.32 4.14
C LEU A 231 31.33 11.59 4.92
N GLN A 232 31.28 12.45 5.96
CA GLN A 232 32.41 12.83 6.81
C GLN A 232 32.91 11.66 7.66
N ARG A 233 31.98 10.97 8.35
CA ARG A 233 32.27 9.83 9.21
C ARG A 233 32.95 8.69 8.43
N LEU A 234 32.42 8.37 7.23
CA LEU A 234 32.90 7.28 6.38
C LEU A 234 34.28 7.58 5.80
N THR A 235 34.54 8.85 5.41
CA THR A 235 35.82 9.29 4.87
C THR A 235 36.92 9.26 5.95
N ALA A 236 36.56 9.59 7.21
CA ALA A 236 37.50 9.63 8.36
C ALA A 236 38.29 8.34 8.55
N ASN A 237 37.68 7.17 8.26
CA ASN A 237 38.35 5.88 8.38
C ASN A 237 39.14 5.62 7.09
N PRO A 238 40.49 5.49 7.15
CA PRO A 238 41.27 5.29 5.92
C PRO A 238 40.98 4.01 5.14
N GLU A 239 40.30 3.00 5.74
CA GLU A 239 39.96 1.77 5.01
C GLU A 239 38.79 1.96 4.02
N ASN A 240 38.13 3.13 4.04
CA ASN A 240 36.99 3.42 3.19
C ASN A 240 37.25 4.43 2.09
N VAL A 241 36.45 4.31 1.03
CA VAL A 241 36.38 5.22 -0.10
C VAL A 241 34.89 5.53 -0.27
N VAL A 242 34.54 6.81 -0.30
CA VAL A 242 33.16 7.26 -0.50
C VAL A 242 33.02 7.70 -1.96
N ASP A 243 31.92 7.28 -2.59
CA ASP A 243 31.58 7.63 -3.96
C ASP A 243 30.29 8.44 -3.98
N THR A 244 30.32 9.60 -4.65
CA THR A 244 29.17 10.48 -4.89
C THR A 244 29.02 10.34 -6.37
N ILE A 245 27.93 9.65 -6.77
N ILE A 245 27.95 9.67 -6.80
CA ILE A 245 27.59 9.17 -8.12
CA ILE A 245 27.81 9.37 -8.22
C ILE A 245 26.49 9.96 -8.86
C ILE A 245 26.57 9.95 -8.87
N GLU A 246 26.75 10.26 -10.16
CA GLU A 246 25.76 10.84 -11.05
C GLU A 246 24.85 9.70 -11.57
N PRO A 247 23.61 10.01 -12.00
CA PRO A 247 22.96 11.31 -11.97
C PRO A 247 22.33 11.63 -10.62
N ALA A 248 22.08 12.92 -10.36
CA ALA A 248 21.40 13.37 -9.17
C ALA A 248 19.89 13.05 -9.32
N GLU A 249 19.27 12.48 -8.30
CA GLU A 249 17.84 12.17 -8.38
C GLU A 249 17.06 13.34 -7.81
N LEU A 250 16.11 13.88 -8.59
CA LEU A 250 15.31 15.01 -8.16
C LEU A 250 14.06 14.59 -7.35
N ASN A 251 13.88 15.23 -6.19
CA ASN A 251 12.74 15.04 -5.32
C ASN A 251 11.77 16.18 -5.51
N LEU A 252 10.49 15.84 -5.71
CA LEU A 252 9.42 16.82 -5.87
C LEU A 252 8.20 16.40 -5.07
N LEU A 253 7.39 17.39 -4.66
CA LEU A 253 6.09 17.14 -4.08
C LEU A 253 5.11 17.26 -5.25
N HIS A 254 4.58 16.14 -5.73
CA HIS A 254 3.62 16.11 -6.84
C HIS A 254 2.23 16.21 -6.21
N ILE A 255 1.54 17.33 -6.47
CA ILE A 255 0.23 17.58 -5.87
C ILE A 255 -0.87 17.18 -6.85
N ASN A 256 -1.80 16.28 -6.42
CA ASN A 256 -2.94 15.94 -7.26
C ASN A 256 -3.85 17.19 -7.35
N ILE A 257 -3.80 17.87 -8.51
CA ILE A 257 -4.51 19.13 -8.78
C ILE A 257 -6.05 18.94 -8.91
N THR A 258 -6.55 17.70 -8.99
CA THR A 258 -7.99 17.42 -9.11
C THR A 258 -8.67 17.19 -7.75
N LYS A 259 -7.89 17.03 -6.68
CA LYS A 259 -8.45 16.74 -5.36
C LYS A 259 -8.51 17.94 -4.42
N PRO A 260 -9.70 18.27 -3.85
CA PRO A 260 -9.77 19.35 -2.84
C PRO A 260 -8.92 19.01 -1.61
N PRO A 261 -8.26 19.98 -0.95
CA PRO A 261 -8.30 21.43 -1.19
C PRO A 261 -7.34 21.94 -2.28
N PHE A 262 -6.51 21.03 -2.83
CA PHE A 262 -5.46 21.35 -3.80
C PHE A 262 -5.96 21.56 -5.25
N ASN A 263 -7.27 21.53 -5.50
CA ASN A 263 -7.81 21.87 -6.82
C ASN A 263 -7.94 23.40 -6.95
N ASP A 264 -7.68 24.13 -5.84
CA ASP A 264 -7.62 25.59 -5.80
C ASP A 264 -6.12 25.91 -5.86
N ILE A 265 -5.70 26.62 -6.95
CA ILE A 265 -4.29 26.99 -7.20
C ILE A 265 -3.67 27.75 -6.02
N ARG A 266 -4.50 28.55 -5.25
CA ARG A 266 -4.04 29.32 -4.10
C ARG A 266 -3.48 28.42 -2.99
N VAL A 267 -4.08 27.23 -2.79
CA VAL A 267 -3.65 26.25 -1.78
C VAL A 267 -2.32 25.63 -2.22
N ARG A 268 -2.19 25.33 -3.52
CA ARG A 268 -0.94 24.80 -4.12
C ARG A 268 0.18 25.85 -4.01
N GLN A 269 -0.14 27.12 -4.33
CA GLN A 269 0.81 28.24 -4.22
C GLN A 269 1.24 28.43 -2.77
N ALA A 270 0.29 28.33 -1.81
CA ALA A 270 0.55 28.44 -0.38
C ALA A 270 1.56 27.37 0.06
N LEU A 271 1.39 26.12 -0.40
CA LEU A 271 2.32 25.04 -0.08
C LEU A 271 3.72 25.32 -0.67
N ALA A 272 3.78 25.79 -1.94
CA ALA A 272 5.04 26.11 -2.63
C ALA A 272 5.83 27.22 -1.94
N HIS A 273 5.11 28.20 -1.33
CA HIS A 273 5.69 29.32 -0.59
C HIS A 273 6.17 28.97 0.83
N THR A 274 5.90 27.75 1.35
CA THR A 274 6.34 27.42 2.72
C THR A 274 7.29 26.20 2.74
N VAL A 275 7.70 25.79 1.57
CA VAL A 275 8.71 24.77 1.40
C VAL A 275 10.01 25.60 1.22
N ASN A 276 11.15 25.14 1.73
CA ASN A 276 12.41 25.87 1.59
C ASN A 276 13.51 24.90 1.11
N ALA A 277 13.60 24.73 -0.23
CA ALA A 277 14.56 23.82 -0.87
C ALA A 277 16.02 24.19 -0.59
N ALA A 278 16.34 25.51 -0.52
CA ALA A 278 17.70 26.01 -0.23
C ALA A 278 18.11 25.59 1.19
N GLN A 279 17.17 25.64 2.16
CA GLN A 279 17.41 25.22 3.54
C GLN A 279 17.64 23.68 3.60
N ILE A 280 16.89 22.89 2.81
CA ILE A 280 17.07 21.43 2.73
C ILE A 280 18.49 21.09 2.24
N ALA A 281 18.95 21.76 1.17
CA ALA A 281 20.28 21.55 0.59
C ALA A 281 21.39 21.89 1.59
N LYS A 282 21.25 23.01 2.31
CA LYS A 282 22.21 23.48 3.31
C LYS A 282 22.25 22.52 4.52
N TYR A 283 21.08 22.08 4.99
CA TYR A 283 20.90 21.13 6.09
C TYR A 283 21.54 19.77 5.75
N ARG A 284 21.29 19.25 4.54
CA ARG A 284 21.83 17.96 4.12
C ARG A 284 23.32 18.00 3.69
N GLY A 285 23.73 19.07 3.02
CA GLY A 285 25.10 19.24 2.54
C GLY A 285 25.12 19.50 1.04
N GLU A 286 25.83 20.56 0.63
CA GLU A 286 25.90 21.04 -0.76
C GLU A 286 26.71 20.16 -1.72
N ARG A 287 27.61 19.31 -1.22
CA ARG A 287 28.38 18.41 -2.08
C ARG A 287 27.45 17.36 -2.75
N VAL A 288 26.49 16.82 -1.97
CA VAL A 288 25.56 15.81 -2.45
C VAL A 288 24.22 16.39 -2.92
N ASN A 289 23.79 17.48 -2.29
CA ASN A 289 22.46 18.03 -2.51
C ASN A 289 22.43 19.44 -3.03
N ARG A 290 21.46 19.71 -3.92
CA ARG A 290 21.26 21.05 -4.44
C ARG A 290 19.78 21.33 -4.73
N ALA A 291 19.33 22.53 -4.39
CA ALA A 291 17.96 23.01 -4.68
C ALA A 291 17.89 23.17 -6.21
N VAL A 292 16.77 22.77 -6.81
CA VAL A 292 16.63 22.81 -8.27
C VAL A 292 15.62 23.87 -8.68
N PRO A 293 16.05 24.88 -9.49
CA PRO A 293 15.11 25.96 -9.88
C PRO A 293 14.12 25.60 -11.02
N SER A 294 13.76 24.32 -11.14
CA SER A 294 12.77 23.81 -12.12
C SER A 294 12.21 22.44 -11.68
N VAL A 295 11.29 21.87 -12.48
CA VAL A 295 10.57 20.61 -12.20
C VAL A 295 11.25 19.37 -12.83
N ILE A 296 12.44 19.54 -13.42
CA ILE A 296 13.21 18.43 -14.01
C ILE A 296 14.66 18.52 -13.47
N PRO A 297 15.44 17.41 -13.43
CA PRO A 297 16.82 17.51 -12.93
C PRO A 297 17.69 18.47 -13.73
N SER A 298 18.61 19.16 -13.03
CA SER A 298 19.49 20.19 -13.59
C SER A 298 20.44 19.73 -14.70
N ASN A 299 20.76 18.43 -14.77
CA ASN A 299 21.66 17.89 -15.80
C ASN A 299 20.93 17.61 -17.14
N ASN A 300 19.63 17.88 -17.21
CA ASN A 300 18.87 17.64 -18.43
C ASN A 300 19.15 18.62 -19.54
N LEU A 301 19.20 18.12 -20.78
CA LEU A 301 19.24 18.97 -21.95
C LEU A 301 17.83 19.57 -21.99
N GLY A 302 17.73 20.89 -22.03
CA GLY A 302 16.44 21.60 -22.03
C GLY A 302 16.06 22.16 -20.67
N PHE A 303 16.90 21.93 -19.64
CA PHE A 303 16.69 22.43 -18.26
C PHE A 303 16.50 23.93 -18.23
N ASP A 304 15.50 24.40 -17.47
CA ASP A 304 15.22 25.83 -17.34
C ASP A 304 15.64 26.36 -15.94
N PRO A 305 16.80 27.04 -15.83
CA PRO A 305 17.20 27.60 -14.52
C PRO A 305 16.33 28.80 -14.08
N ASP A 306 15.49 29.32 -15.01
CA ASP A 306 14.60 30.46 -14.77
C ASP A 306 13.12 30.06 -14.96
N ALA A 307 12.74 28.85 -14.51
CA ALA A 307 11.38 28.33 -14.65
C ALA A 307 10.31 29.08 -13.80
N GLY A 308 10.75 29.90 -12.85
CA GLY A 308 9.87 30.71 -12.02
C GLY A 308 9.38 30.05 -10.73
N VAL A 309 10.24 29.22 -10.12
CA VAL A 309 9.96 28.49 -8.86
C VAL A 309 9.53 29.49 -7.78
N LEU A 310 8.43 29.17 -7.08
CA LEU A 310 7.85 30.02 -6.05
C LEU A 310 8.80 30.13 -4.86
N ASN A 311 9.07 31.37 -4.42
CA ASN A 311 10.01 31.65 -3.35
C ASN A 311 9.50 31.30 -1.96
N TYR A 312 10.40 31.28 -0.98
CA TYR A 312 10.06 31.01 0.39
C TYR A 312 9.45 32.28 1.00
N ASP A 313 8.14 32.21 1.29
CA ASP A 313 7.37 33.32 1.87
C ASP A 313 6.16 32.74 2.63
N PRO A 314 6.38 32.20 3.86
CA PRO A 314 5.26 31.58 4.61
C PRO A 314 4.16 32.56 5.04
N ALA A 315 4.45 33.89 5.11
CA ALA A 315 3.43 34.90 5.45
C ALA A 315 2.41 34.96 4.28
N GLN A 316 2.91 34.84 3.02
CA GLN A 316 2.08 34.79 1.82
C GLN A 316 1.27 33.47 1.78
N SER A 317 1.86 32.33 2.26
CA SER A 317 1.18 31.03 2.36
C SER A 317 -0.08 31.17 3.23
N LYS A 318 0.06 31.78 4.42
CA LYS A 318 -1.04 32.01 5.37
C LYS A 318 -2.12 32.92 4.77
N LYS A 319 -1.70 33.96 3.99
CA LYS A 319 -2.61 34.89 3.32
C LYS A 319 -3.39 34.16 2.20
N LEU A 320 -2.69 33.35 1.38
CA LEU A 320 -3.30 32.57 0.29
C LEU A 320 -4.31 31.54 0.86
N LEU A 321 -3.98 30.89 1.99
CA LEU A 321 -4.86 29.91 2.64
C LEU A 321 -6.14 30.58 3.16
N ALA A 322 -6.02 31.79 3.76
CA ALA A 322 -7.16 32.58 4.26
C ALA A 322 -8.08 32.97 3.10
N GLU A 323 -7.49 33.34 1.93
CA GLU A 323 -8.22 33.69 0.71
C GLU A 323 -8.96 32.48 0.15
N ALA A 324 -8.38 31.27 0.33
CA ALA A 324 -8.94 30.00 -0.12
C ALA A 324 -10.02 29.42 0.84
N GLY A 325 -10.27 30.11 1.95
CA GLY A 325 -11.25 29.71 2.96
C GLY A 325 -10.70 28.87 4.10
N PHE A 326 -9.38 29.00 4.36
CA PHE A 326 -8.68 28.27 5.42
C PHE A 326 -7.92 29.25 6.34
N PRO A 327 -8.63 30.06 7.19
CA PRO A 327 -7.93 31.01 8.06
C PRO A 327 -7.11 30.38 9.19
N ASN A 328 -7.40 29.10 9.54
CA ASN A 328 -6.67 28.40 10.59
C ASN A 328 -5.80 27.26 10.05
N GLY A 329 -5.44 27.36 8.77
CA GLY A 329 -4.59 26.37 8.10
C GLY A 329 -5.31 25.20 7.49
N VAL A 330 -4.51 24.26 6.94
CA VAL A 330 -4.94 23.04 6.24
C VAL A 330 -4.19 21.82 6.81
N THR A 331 -4.90 20.70 6.96
CA THR A 331 -4.32 19.41 7.35
C THR A 331 -4.31 18.52 6.10
N VAL A 332 -3.16 17.91 5.80
CA VAL A 332 -2.96 17.01 4.67
C VAL A 332 -2.34 15.73 5.19
N THR A 333 -2.85 14.58 4.73
CA THR A 333 -2.30 13.27 5.07
C THR A 333 -1.61 12.70 3.85
N VAL A 335 0.75 9.66 2.17
CA VAL A 335 1.28 8.30 2.23
C VAL A 335 2.77 8.45 1.89
N ALA A 336 3.63 8.15 2.85
CA ALA A 336 5.08 8.40 2.73
C ALA A 336 5.93 7.14 2.72
N SER A 337 6.85 7.06 1.77
CA SER A 337 7.76 5.93 1.67
C SER A 337 8.69 5.81 2.90
N GLN A 338 8.99 4.56 3.29
CA GLN A 338 9.92 4.25 4.38
C GLN A 338 11.37 4.04 3.89
N LEU A 339 11.66 4.32 2.59
CA LEU A 339 13.03 4.39 2.08
C LEU A 339 13.62 5.53 2.99
N PRO A 340 14.70 5.27 3.79
CA PRO A 340 15.13 6.26 4.80
C PRO A 340 15.35 7.69 4.32
N GLY A 341 15.91 7.87 3.14
CA GLY A 341 16.14 9.19 2.56
C GLY A 341 14.84 9.93 2.30
N LEU A 342 13.82 9.24 1.75
CA LEU A 342 12.50 9.82 1.50
C LEU A 342 11.76 10.08 2.82
N GLU A 343 11.97 9.21 3.83
CA GLU A 343 11.34 9.38 5.14
C GLU A 343 11.86 10.64 5.85
N SER A 344 13.22 10.83 5.88
CA SER A 344 13.85 11.99 6.50
CA SER A 344 13.89 11.99 6.47
C SER A 344 13.46 13.27 5.76
N LEU A 345 13.37 13.20 4.41
CA LEU A 345 12.97 14.33 3.59
C LEU A 345 11.53 14.77 3.89
N ALA A 346 10.58 13.80 3.99
CA ALA A 346 9.18 14.05 4.37
C ALA A 346 9.09 14.72 5.73
N GLN A 347 9.95 14.29 6.68
CA GLN A 347 9.99 14.86 8.03
C GLN A 347 10.51 16.31 8.04
N LEU A 348 11.47 16.64 7.17
CA LEU A 348 11.97 18.00 7.04
C LEU A 348 10.86 18.90 6.44
N ILE A 349 10.14 18.38 5.39
CA ILE A 349 9.03 19.09 4.76
CA ILE A 349 9.01 19.07 4.76
C ILE A 349 7.93 19.37 5.80
N GLN A 350 7.56 18.35 6.60
CA GLN A 350 6.55 18.43 7.65
C GLN A 350 6.85 19.61 8.61
N ALA A 351 8.11 19.75 9.07
CA ALA A 351 8.52 20.85 9.94
C ALA A 351 8.43 22.23 9.24
N GLN A 352 8.90 22.30 7.98
CA GLN A 352 8.91 23.52 7.16
C GLN A 352 7.52 24.07 6.82
N VAL A 353 6.60 23.20 6.37
CA VAL A 353 5.27 23.62 5.90
C VAL A 353 4.34 24.06 7.05
N ALA A 354 4.69 23.74 8.32
CA ALA A 354 3.94 24.19 9.50
C ALA A 354 4.01 25.74 9.61
N GLU A 355 5.15 26.33 9.14
CA GLU A 355 5.39 27.77 9.12
C GLU A 355 4.30 28.52 8.30
N GLY A 356 3.90 27.93 7.18
CA GLY A 356 2.89 28.50 6.28
C GLY A 356 1.46 28.04 6.49
N GLY A 357 1.19 27.36 7.61
CA GLY A 357 -0.15 26.91 7.97
C GLY A 357 -0.55 25.50 7.58
N PHE A 358 0.40 24.67 7.14
CA PHE A 358 0.09 23.28 6.78
C PHE A 358 0.45 22.30 7.88
N THR A 359 -0.51 21.47 8.30
CA THR A 359 -0.24 20.35 9.22
C THR A 359 -0.15 19.14 8.32
N LEU A 360 1.09 18.69 8.06
CA LEU A 360 1.33 17.52 7.23
C LEU A 360 1.46 16.26 8.08
N ASN A 361 0.51 15.35 7.92
CA ASN A 361 0.53 14.05 8.60
C ASN A 361 1.15 13.03 7.66
N LEU A 362 2.04 12.20 8.19
CA LEU A 362 2.73 11.21 7.39
C LEU A 362 2.29 9.79 7.76
N GLN A 363 1.81 9.04 6.75
CA GLN A 363 1.36 7.66 6.86
CA GLN A 363 1.40 7.64 6.91
C GLN A 363 2.53 6.80 6.30
N PRO A 364 3.45 6.28 7.16
CA PRO A 364 4.60 5.53 6.63
C PRO A 364 4.26 4.15 6.08
N VAL A 365 4.80 3.83 4.90
CA VAL A 365 4.57 2.55 4.21
C VAL A 365 5.91 2.10 3.59
N GLU A 366 6.19 0.77 3.64
CA GLU A 366 7.35 0.16 2.99
C GLU A 366 7.41 0.63 1.51
N HIS A 367 8.62 1.02 1.05
CA HIS A 367 8.93 1.62 -0.26
C HIS A 367 8.24 0.97 -1.48
N ALA A 368 8.42 -0.34 -1.70
CA ALA A 368 7.82 -1.07 -2.82
C ALA A 368 6.29 -1.07 -2.79
N ALA A 369 5.69 -1.28 -1.60
CA ALA A 369 4.23 -1.24 -1.43
C ALA A 369 3.74 0.20 -1.68
N TRP A 370 4.49 1.20 -1.18
CA TRP A 370 4.21 2.63 -1.40
C TRP A 370 4.21 2.96 -2.91
N HIS A 371 5.17 2.37 -3.69
CA HIS A 371 5.24 2.56 -5.14
C HIS A 371 3.91 2.14 -5.84
N GLN A 372 3.27 1.06 -5.38
N GLN A 372 3.30 1.04 -5.37
CA GLN A 372 2.02 0.63 -5.99
CA GLN A 372 2.03 0.48 -5.85
C GLN A 372 0.80 1.43 -5.50
C GLN A 372 0.85 1.41 -5.49
N ILE A 374 0.77 4.78 -4.60
CA ILE A 374 0.80 6.09 -5.28
C ILE A 374 0.30 5.95 -6.74
N ARG A 375 0.49 4.75 -7.34
CA ARG A 375 0.07 4.42 -8.70
C ARG A 375 -1.41 3.99 -8.77
N LYS A 376 -2.13 4.06 -7.62
CA LYS A 376 -3.56 3.82 -7.47
C LYS A 376 -4.25 5.09 -6.94
N ASP A 377 -3.55 6.25 -7.01
CA ASP A 377 -4.01 7.57 -6.56
C ASP A 377 -4.39 7.58 -5.07
N LEU A 378 -3.65 6.84 -4.22
CA LEU A 378 -4.01 6.75 -2.81
C LEU A 378 -3.42 7.87 -1.94
N SER A 379 -2.59 8.75 -2.54
CA SER A 379 -2.03 9.87 -1.80
C SER A 379 -2.35 11.21 -2.49
N PRO A 380 -2.84 12.22 -1.72
CA PRO A 380 -3.16 13.53 -2.34
C PRO A 380 -1.91 14.27 -2.84
N ILE A 381 -0.77 14.02 -2.19
CA ILE A 381 0.55 14.56 -2.50
C ILE A 381 1.52 13.38 -2.52
N VAL A 382 2.45 13.37 -3.48
CA VAL A 382 3.45 12.32 -3.63
C VAL A 382 4.85 12.91 -3.59
N LEU A 383 5.63 12.53 -2.57
CA LEU A 383 7.02 12.92 -2.46
C LEU A 383 7.82 11.83 -3.23
N TYR A 384 8.20 12.12 -4.46
CA TYR A 384 8.87 11.18 -5.37
C TYR A 384 10.27 11.67 -5.76
N GLY A 385 11.22 10.73 -5.78
CA GLY A 385 12.60 11.00 -6.19
C GLY A 385 12.97 10.21 -7.42
N ALA A 386 13.57 10.87 -8.43
CA ALA A 386 13.97 10.20 -9.67
C ALA A 386 14.88 11.02 -10.57
N ALA A 387 15.68 10.30 -11.36
CA ALA A 387 16.47 10.82 -12.47
C ALA A 387 16.01 10.00 -13.68
N ARG A 388 16.03 10.60 -14.86
CA ARG A 388 15.69 9.92 -16.11
C ARG A 388 16.83 10.17 -17.08
N PHE A 389 16.83 9.51 -18.26
CA PHE A 389 17.82 9.78 -19.31
C PHE A 389 17.88 11.34 -19.45
N PRO A 390 19.08 12.01 -19.45
CA PRO A 390 19.12 13.49 -19.33
C PRO A 390 18.71 14.33 -20.56
N ILE A 391 17.53 14.02 -21.12
CA ILE A 391 16.86 14.77 -22.17
C ILE A 391 15.50 15.13 -21.55
N ALA A 392 15.15 16.44 -21.47
CA ALA A 392 13.93 16.95 -20.84
C ALA A 392 12.65 16.18 -21.19
N ASP A 393 12.51 15.70 -22.45
CA ASP A 393 11.37 14.93 -22.91
C ASP A 393 10.99 13.76 -21.98
N TYR A 394 11.99 13.03 -21.43
CA TYR A 394 11.76 11.88 -20.55
C TYR A 394 11.04 12.30 -19.28
N TYR A 395 11.68 13.19 -18.49
CA TYR A 395 11.10 13.67 -17.24
C TYR A 395 9.76 14.38 -17.45
N LEU A 396 9.67 15.26 -18.48
CA LEU A 396 8.45 16.01 -18.80
C LEU A 396 7.28 15.11 -19.16
N THR A 397 7.50 14.14 -20.06
CA THR A 397 6.44 13.21 -20.50
C THR A 397 5.95 12.34 -19.36
N GLN A 398 6.86 11.65 -18.69
CA GLN A 398 6.55 10.69 -17.62
C GLN A 398 5.87 11.31 -16.41
N PHE A 399 6.31 12.50 -16.00
CA PHE A 399 5.76 13.14 -14.83
C PHE A 399 4.67 14.16 -15.08
N TYR A 400 4.63 14.85 -16.26
CA TYR A 400 3.71 15.98 -16.42
C TYR A 400 2.83 15.97 -17.66
N HIS A 401 3.03 15.05 -18.62
CA HIS A 401 2.13 14.95 -19.77
C HIS A 401 0.84 14.27 -19.31
N SER A 402 -0.33 14.78 -19.76
CA SER A 402 -1.65 14.26 -19.36
C SER A 402 -1.86 12.76 -19.66
N ALA A 403 -1.16 12.21 -20.70
CA ALA A 403 -1.28 10.78 -21.02
C ALA A 403 -0.67 9.90 -19.92
N SER A 404 0.33 10.43 -19.18
CA SER A 404 1.02 9.72 -18.11
C SER A 404 0.29 9.75 -16.74
N GLU A 405 -0.85 10.48 -16.64
CA GLU A 405 -1.55 10.58 -15.36
C GLU A 405 -2.14 9.25 -14.88
N ILE A 406 -2.06 9.05 -13.56
CA ILE A 406 -2.57 7.89 -12.83
C ILE A 406 -4.06 7.67 -13.15
N GLY A 407 -4.41 6.43 -13.45
CA GLY A 407 -5.78 6.02 -13.79
C GLY A 407 -5.97 5.74 -15.27
N LYS A 408 -5.00 6.14 -16.10
CA LYS A 408 -5.06 5.92 -17.54
C LYS A 408 -4.30 4.62 -17.90
N PRO A 409 -4.66 3.90 -18.99
CA PRO A 409 -3.87 2.69 -19.35
C PRO A 409 -2.43 3.05 -19.77
N THR A 410 -2.20 4.32 -20.13
CA THR A 410 -0.91 4.89 -20.52
C THR A 410 -0.18 5.56 -19.33
N GLN A 411 -0.71 5.41 -18.09
CA GLN A 411 -0.11 6.01 -16.90
C GLN A 411 1.37 5.71 -16.71
N VAL A 412 2.09 6.71 -16.22
CA VAL A 412 3.50 6.57 -15.87
C VAL A 412 3.63 7.05 -14.42
N VAL A 413 4.16 8.26 -14.22
CA VAL A 413 4.40 8.83 -12.90
C VAL A 413 3.84 10.24 -12.76
N ASN A 414 2.78 10.55 -13.52
CA ASN A 414 2.14 11.85 -13.40
C ASN A 414 1.12 11.76 -12.23
N PHE A 415 1.64 11.93 -11.01
CA PHE A 415 0.86 11.87 -9.77
C PHE A 415 0.06 13.14 -9.55
N SER A 416 0.51 14.25 -10.14
CA SER A 416 -0.14 15.55 -10.02
C SER A 416 -1.37 15.69 -10.90
N HIS A 417 -1.50 14.83 -11.95
CA HIS A 417 -2.57 14.91 -12.96
C HIS A 417 -2.42 16.22 -13.77
N CYS A 418 -1.14 16.63 -13.98
CA CYS A 418 -0.76 17.80 -14.76
C CYS A 418 -1.25 17.61 -16.20
N ASN A 419 -1.83 18.68 -16.77
CA ASN A 419 -2.33 18.65 -18.16
C ASN A 419 -2.11 20.01 -18.88
N VAL A 420 -1.21 20.86 -18.36
CA VAL A 420 -0.98 22.22 -18.87
C VAL A 420 0.15 22.38 -19.93
N ALA A 421 0.99 21.36 -20.13
CA ALA A 421 2.13 21.48 -21.04
C ALA A 421 2.21 20.42 -22.16
N ASP A 422 1.09 19.77 -22.49
CA ASP A 422 1.04 18.73 -23.54
C ASP A 422 1.56 19.20 -24.90
N LYS A 423 1.09 20.37 -25.38
CA LYS A 423 1.46 20.94 -26.69
C LYS A 423 2.96 21.18 -26.80
N GLN A 424 3.56 21.80 -25.77
CA GLN A 424 4.99 22.13 -25.72
C GLN A 424 5.87 20.88 -25.67
N ILE A 425 5.45 19.87 -24.85
CA ILE A 425 6.15 18.59 -24.72
C ILE A 425 6.16 17.85 -26.06
N GLU A 426 4.98 17.72 -26.69
CA GLU A 426 4.81 17.04 -27.98
C GLU A 426 5.60 17.73 -29.12
N ALA A 427 5.53 19.07 -29.19
CA ALA A 427 6.26 19.88 -30.19
C ALA A 427 7.77 19.71 -30.07
N ALA A 428 8.31 19.75 -28.83
CA ALA A 428 9.75 19.61 -28.57
C ALA A 428 10.35 18.28 -29.04
N ARG A 429 9.59 17.18 -28.90
CA ARG A 429 9.95 15.81 -29.29
C ARG A 429 10.47 15.68 -30.71
N THR A 430 9.76 16.30 -31.66
CA THR A 430 10.10 16.19 -33.07
C THR A 430 10.93 17.38 -33.61
N GLU A 431 11.25 18.40 -32.78
CA GLU A 431 12.09 19.54 -33.19
C GLU A 431 13.59 19.15 -33.14
N THR A 432 14.31 19.20 -34.29
CA THR A 432 15.74 18.81 -34.34
C THR A 432 16.72 19.97 -34.06
N ASP A 433 16.30 21.25 -34.25
CA ASP A 433 17.13 22.42 -33.95
C ASP A 433 17.42 22.51 -32.42
N PRO A 434 18.71 22.49 -31.99
CA PRO A 434 19.02 22.46 -30.54
C PRO A 434 18.36 23.57 -29.72
N ASN A 435 18.49 24.84 -30.16
CA ASN A 435 17.91 26.01 -29.50
C ASN A 435 16.36 26.02 -29.48
N LYS A 436 15.69 25.75 -30.63
CA LYS A 436 14.21 25.75 -30.69
C LYS A 436 13.59 24.65 -29.81
N GLN A 437 14.23 23.47 -29.77
CA GLN A 437 13.80 22.33 -28.99
C GLN A 437 13.87 22.69 -27.49
N ILE A 438 14.99 23.32 -27.09
CA ILE A 438 15.25 23.78 -25.74
C ILE A 438 14.21 24.84 -25.33
N GLU A 439 13.82 25.75 -26.26
CA GLU A 439 12.83 26.78 -25.95
C GLU A 439 11.45 26.20 -25.60
N LEU A 440 11.04 25.14 -26.33
CA LEU A 440 9.77 24.44 -26.10
C LEU A 440 9.77 23.73 -24.75
N TRP A 441 10.92 23.12 -24.39
CA TRP A 441 11.13 22.44 -23.12
C TRP A 441 11.07 23.43 -21.94
N LYS A 442 11.63 24.64 -22.14
CA LYS A 442 11.61 25.71 -21.15
C LYS A 442 10.19 26.25 -20.95
N GLU A 443 9.44 26.42 -22.06
CA GLU A 443 8.04 26.86 -22.02
C GLU A 443 7.20 25.88 -21.18
N ALA A 444 7.39 24.54 -21.41
CA ALA A 444 6.72 23.48 -20.68
C ALA A 444 7.02 23.58 -19.17
N GLN A 445 8.30 23.77 -18.82
CA GLN A 445 8.74 23.90 -17.42
C GLN A 445 8.09 25.10 -16.72
N LYS A 446 8.00 26.26 -17.40
CA LYS A 446 7.36 27.47 -16.86
C LYS A 446 5.87 27.26 -16.57
N LEU A 447 5.16 26.57 -17.49
CA LEU A 447 3.74 26.25 -17.36
C LEU A 447 3.47 25.29 -16.18
N ILE A 448 4.31 24.24 -16.02
CA ILE A 448 4.21 23.26 -14.94
C ILE A 448 4.45 23.92 -13.57
N VAL A 449 5.49 24.78 -13.51
CA VAL A 449 5.86 25.52 -12.29
C VAL A 449 4.75 26.51 -11.85
N SER A 450 4.27 27.35 -12.78
CA SER A 450 3.23 28.36 -12.50
C SER A 450 1.86 27.73 -12.17
N ASN A 451 1.60 26.52 -12.65
CA ASN A 451 0.37 25.82 -12.30
C ASN A 451 0.50 25.11 -10.94
N VAL A 452 1.73 25.05 -10.41
CA VAL A 452 2.08 24.44 -9.12
C VAL A 452 1.57 22.96 -9.07
N CYS A 453 1.83 22.23 -10.17
CA CYS A 453 1.51 20.81 -10.33
C CYS A 453 2.48 20.04 -9.41
N ALA A 454 3.74 20.47 -9.38
CA ALA A 454 4.79 19.88 -8.59
C ALA A 454 5.70 20.95 -7.99
N ILE A 455 6.15 20.72 -6.77
CA ILE A 455 7.04 21.64 -6.08
C ILE A 455 8.41 20.98 -6.00
N PRO A 456 9.43 21.58 -6.66
CA PRO A 456 10.78 21.00 -6.61
C PRO A 456 11.44 21.21 -5.26
N LEU A 457 12.21 20.21 -4.84
CA LEU A 457 12.96 20.30 -3.60
C LEU A 457 14.43 20.24 -3.95
N THR A 458 15.13 19.22 -3.51
CA THR A 458 16.54 19.05 -3.81
C THR A 458 16.73 17.85 -4.71
N GLU A 459 17.85 17.83 -5.40
CA GLU A 459 18.29 16.68 -6.14
C GLU A 459 19.51 16.14 -5.40
N ASN A 460 19.68 14.82 -5.39
CA ASN A 460 20.80 14.22 -4.68
C ASN A 460 21.55 13.25 -5.50
N LEU A 461 22.89 13.35 -5.46
CA LEU A 461 23.79 12.38 -6.10
C LEU A 461 23.69 11.08 -5.27
N GLY A 462 23.97 9.95 -5.90
CA GLY A 462 23.99 8.66 -5.22
C GLY A 462 25.19 8.60 -4.30
N THR A 463 25.01 8.12 -3.08
CA THR A 463 26.12 8.04 -2.09
C THR A 463 26.35 6.61 -1.66
N TRP A 464 27.58 6.14 -1.83
CA TRP A 464 28.00 4.77 -1.54
C TRP A 464 29.39 4.77 -0.92
N ALA A 465 29.68 3.74 -0.15
CA ALA A 465 31.01 3.57 0.44
C ALA A 465 31.51 2.20 0.04
N ARG A 466 32.81 2.09 -0.26
CA ARG A 466 33.44 0.80 -0.55
C ARG A 466 34.68 0.66 0.31
N LYS A 467 35.11 -0.58 0.55
CA LYS A 467 36.37 -0.82 1.24
C LYS A 467 37.49 -0.54 0.22
N ASN A 468 38.67 -0.11 0.69
CA ASN A 468 39.87 0.17 -0.13
C ASN A 468 40.22 -1.01 -1.06
N LYS A 469 40.13 -2.26 -0.55
CA LYS A 469 40.45 -3.51 -1.24
C LYS A 469 39.62 -3.71 -2.53
N LEU A 470 38.41 -3.14 -2.61
CA LEU A 470 37.57 -3.29 -3.79
C LEU A 470 37.86 -2.27 -4.89
N GLY A 471 38.06 -2.79 -6.10
CA GLY A 471 38.26 -1.98 -7.29
C GLY A 471 37.08 -2.17 -8.22
N TRP A 472 36.46 -1.06 -8.69
CA TRP A 472 35.34 -1.16 -9.62
C TRP A 472 35.79 -1.73 -10.99
N GLY A 473 37.06 -1.53 -11.33
CA GLY A 473 37.64 -1.98 -12.59
C GLY A 473 37.62 -0.88 -13.64
N PHE A 474 37.15 0.31 -13.23
CA PHE A 474 37.01 1.53 -14.02
C PHE A 474 36.77 2.67 -13.03
N GLU A 475 36.84 3.92 -13.47
CA GLU A 475 36.54 5.05 -12.60
C GLU A 475 35.00 5.21 -12.54
N LEU A 476 34.48 5.26 -11.32
CA LEU A 476 33.05 5.41 -11.15
C LEU A 476 32.64 6.89 -11.00
N LYS A 477 32.06 7.46 -12.07
CA LYS A 477 31.59 8.85 -12.05
C LYS A 477 30.05 8.85 -12.00
N GLY A 478 29.46 7.93 -12.73
CA GLY A 478 28.03 7.79 -12.83
C GLY A 478 27.56 6.43 -13.29
N SER A 479 26.28 6.17 -13.05
CA SER A 479 25.59 4.95 -13.43
C SER A 479 24.15 5.36 -13.38
N PRO A 481 21.16 4.13 -12.61
CA PRO A 481 20.32 4.02 -11.39
C PRO A 481 20.85 4.80 -10.16
N SER A 482 21.99 5.54 -10.29
CA SER A 482 22.69 6.31 -9.22
C SER A 482 23.23 5.35 -8.14
N ALA A 483 23.54 4.13 -8.57
CA ALA A 483 24.05 3.04 -7.75
C ALA A 483 25.28 2.45 -8.44
N PRO A 484 26.27 1.86 -7.72
CA PRO A 484 27.44 1.31 -8.42
C PRO A 484 27.13 0.23 -9.45
N LEU A 485 27.88 0.22 -10.54
CA LEU A 485 27.75 -0.79 -11.56
C LEU A 485 28.83 -1.85 -11.29
N ILE A 486 28.43 -3.11 -11.17
CA ILE A 486 29.36 -4.23 -10.97
C ILE A 486 29.41 -5.01 -12.28
N THR A 487 30.63 -5.18 -12.82
CA THR A 487 30.86 -5.84 -14.10
C THR A 487 31.89 -6.97 -13.96
N GLU A 488 32.31 -7.55 -15.11
CA GLU A 488 33.35 -8.56 -15.22
C GLU A 488 34.73 -8.00 -14.79
N GLN A 489 34.85 -6.66 -14.71
CA GLN A 489 36.09 -5.96 -14.33
C GLN A 489 36.21 -5.69 -12.83
N THR A 490 35.09 -5.76 -12.08
CA THR A 490 35.08 -5.55 -10.63
C THR A 490 35.93 -6.65 -9.98
N TYR A 491 36.80 -6.27 -9.03
CA TYR A 491 37.74 -7.21 -8.42
C TYR A 491 38.23 -6.72 -7.05
N PHE A 492 38.83 -7.65 -6.28
CA PHE A 492 39.47 -7.35 -5.01
C PHE A 492 40.98 -7.34 -5.22
N LYS A 493 41.64 -6.27 -4.74
CA LYS A 493 43.10 -6.08 -4.83
C LYS A 493 43.81 -7.03 -3.87
N ASP A 494 45.07 -7.37 -4.17
CA ASP A 494 45.90 -8.24 -3.34
C ASP A 494 46.40 -7.49 -2.11
N ALA B 2 -10.56 6.70 43.36
CA ALA B 2 -9.83 7.94 43.12
C ALA B 2 -9.13 7.94 41.75
N LYS B 3 -8.82 6.74 41.20
CA LYS B 3 -8.18 6.65 39.87
C LYS B 3 -9.28 6.75 38.81
N THR B 4 -9.17 7.75 37.92
CA THR B 4 -10.16 8.02 36.87
C THR B 4 -9.52 8.07 35.45
N GLU B 5 -8.21 7.89 35.36
CA GLU B 5 -7.53 7.93 34.07
C GLU B 5 -7.10 6.53 33.62
N LEU B 6 -7.69 6.06 32.51
CA LEU B 6 -7.40 4.76 31.96
C LEU B 6 -6.39 4.80 30.80
N SER B 7 -5.39 3.90 30.84
CA SER B 7 -4.38 3.72 29.80
C SER B 7 -4.61 2.36 29.15
N GLY B 9 -3.58 -0.10 25.61
CA GLY B 9 -2.64 -0.42 24.54
C GLY B 9 -3.25 -1.39 23.54
N VAL B 10 -3.26 -1.01 22.24
CA VAL B 10 -3.88 -1.81 21.18
C VAL B 10 -2.90 -2.24 20.08
N ALA B 11 -3.24 -3.34 19.36
CA ALA B 11 -2.42 -3.83 18.23
C ALA B 11 -2.79 -3.00 16.98
N SER B 12 -2.26 -1.76 16.92
CA SER B 12 -2.52 -0.82 15.83
C SER B 12 -1.40 0.22 15.78
N GLU B 13 -1.14 0.76 14.58
CA GLU B 13 -0.12 1.78 14.39
C GLU B 13 -0.69 3.18 14.48
N ASP B 14 -1.99 3.37 14.15
CA ASP B 14 -2.58 4.71 14.09
C ASP B 14 -4.09 4.68 13.94
N VAL B 15 -4.69 5.87 13.96
CA VAL B 15 -6.10 6.06 13.64
C VAL B 15 -6.13 6.32 12.16
N THR B 16 -7.04 5.68 11.43
CA THR B 16 -7.19 5.99 10.00
C THR B 16 -8.34 6.99 9.89
N THR B 17 -9.50 6.63 10.43
CA THR B 17 -10.68 7.48 10.38
C THR B 17 -11.61 7.25 11.55
N LEU B 18 -12.17 8.35 12.06
CA LEU B 18 -13.15 8.31 13.14
C LEU B 18 -14.54 8.72 12.61
N ASP B 19 -14.69 8.74 11.26
CA ASP B 19 -16.01 8.89 10.62
C ASP B 19 -16.55 7.43 10.69
N PRO B 20 -17.66 7.19 11.43
CA PRO B 20 -18.16 5.81 11.58
C PRO B 20 -18.66 5.13 10.30
N HIS B 21 -18.97 5.91 9.25
CA HIS B 21 -19.37 5.35 7.96
C HIS B 21 -18.16 4.76 7.19
N PHE B 22 -16.92 5.01 7.68
CA PHE B 22 -15.68 4.51 7.08
C PHE B 22 -14.82 3.65 8.01
N ALA B 23 -14.93 3.83 9.35
CA ALA B 23 -14.14 3.09 10.35
C ALA B 23 -14.32 1.54 10.15
N THR B 24 -13.24 0.87 9.73
CA THR B 24 -13.22 -0.54 9.35
C THR B 24 -12.25 -1.39 10.18
N THR B 25 -11.04 -0.88 10.45
CA THR B 25 -10.07 -1.61 11.25
C THR B 25 -10.63 -1.76 12.66
N THR B 26 -10.26 -2.84 13.37
CA THR B 26 -10.69 -3.07 14.74
C THR B 26 -10.43 -1.84 15.61
N SER B 27 -9.23 -1.24 15.51
CA SER B 27 -8.87 -0.07 16.29
C SER B 27 -9.76 1.15 16.04
N ASP B 28 -10.03 1.48 14.75
CA ASP B 28 -10.93 2.61 14.41
C ASP B 28 -12.37 2.34 14.93
N ARG B 29 -12.89 1.09 14.73
CA ARG B 29 -14.22 0.65 15.19
C ARG B 29 -14.35 0.72 16.71
N THR B 30 -13.26 0.38 17.44
CA THR B 30 -13.21 0.44 18.89
C THR B 30 -13.37 1.89 19.38
N LEU B 31 -12.55 2.83 18.82
CA LEU B 31 -12.62 4.24 19.17
C LEU B 31 -14.00 4.83 18.86
N VAL B 32 -14.56 4.47 17.70
CA VAL B 32 -15.87 4.92 17.24
C VAL B 32 -17.00 4.45 18.22
N SER B 33 -16.89 3.21 18.77
CA SER B 33 -17.86 2.68 19.76
C SER B 33 -17.82 3.47 21.12
N TYR B 34 -16.71 4.20 21.38
CA TYR B 34 -16.57 5.00 22.60
C TYR B 34 -17.15 6.42 22.45
N ILE B 35 -17.14 6.94 21.21
CA ILE B 35 -17.50 8.33 20.85
C ILE B 35 -18.95 8.51 20.47
N TYR B 36 -19.49 7.55 19.72
CA TYR B 36 -20.82 7.68 19.17
C TYR B 36 -21.80 6.72 19.78
N GLY B 37 -23.07 7.03 19.48
CA GLY B 37 -24.23 6.22 19.77
C GLY B 37 -25.02 6.08 18.49
N ALA B 38 -26.16 5.42 18.57
CA ALA B 38 -27.04 5.19 17.42
C ALA B 38 -28.49 5.31 17.87
N LEU B 39 -29.46 5.08 16.96
CA LEU B 39 -30.90 5.10 17.30
C LEU B 39 -31.18 4.03 18.36
N VAL B 40 -30.57 2.85 18.16
CA VAL B 40 -30.68 1.71 19.08
C VAL B 40 -29.26 1.19 19.33
N ARG B 41 -29.10 0.29 20.31
CA ARG B 41 -27.77 -0.24 20.62
C ARG B 41 -27.81 -1.65 21.16
N PHE B 42 -26.66 -2.35 21.07
CA PHE B 42 -26.45 -3.64 21.69
C PHE B 42 -26.34 -3.32 23.18
N ALA B 43 -26.79 -4.22 24.06
CA ALA B 43 -26.63 -3.97 25.49
C ALA B 43 -25.11 -3.96 25.78
N PRO B 44 -24.58 -3.02 26.60
CA PRO B 44 -23.13 -3.07 26.92
C PRO B 44 -22.72 -4.45 27.47
N GLY B 45 -21.66 -5.01 26.90
CA GLY B 45 -21.16 -6.34 27.28
C GLY B 45 -21.76 -7.47 26.45
N SER B 46 -22.59 -7.13 25.48
CA SER B 46 -23.19 -8.13 24.60
C SER B 46 -22.92 -7.82 23.12
N ALA B 47 -22.69 -8.87 22.30
CA ALA B 47 -22.56 -8.77 20.85
C ALA B 47 -23.77 -9.49 20.19
N ASN B 48 -24.78 -9.82 21.00
CA ASN B 48 -25.98 -10.51 20.53
C ASN B 48 -27.07 -9.54 20.09
N PRO B 49 -27.59 -9.71 18.86
CA PRO B 49 -28.71 -8.86 18.39
C PRO B 49 -29.99 -8.93 19.24
N SER B 50 -30.21 -10.02 20.01
CA SER B 50 -31.38 -10.13 20.87
C SER B 50 -31.29 -9.16 22.06
N SER B 51 -30.13 -8.50 22.26
CA SER B 51 -29.93 -7.51 23.32
C SER B 51 -30.24 -6.08 22.84
N ILE B 52 -30.59 -5.89 21.54
CA ILE B 52 -30.82 -4.55 20.99
C ILE B 52 -31.92 -3.82 21.79
N GLU B 53 -31.49 -2.70 22.40
CA GLU B 53 -32.24 -1.81 23.29
C GLU B 53 -32.18 -0.36 22.79
N ALA B 54 -32.98 0.51 23.40
CA ALA B 54 -33.08 1.94 23.09
C ALA B 54 -31.76 2.69 23.35
N ASP B 55 -31.40 3.58 22.44
CA ASP B 55 -30.24 4.44 22.59
C ASP B 55 -30.72 5.88 22.40
N LEU B 56 -30.51 6.50 21.22
CA LEU B 56 -31.04 7.83 20.93
C LEU B 56 -32.57 7.78 20.82
N ALA B 57 -33.12 6.72 20.20
CA ALA B 57 -34.57 6.57 20.08
C ALA B 57 -35.12 6.09 21.43
N GLU B 58 -36.07 6.86 22.01
CA GLU B 58 -36.71 6.48 23.27
C GLU B 58 -37.74 5.38 23.03
N SER B 59 -38.33 5.34 21.81
CA SER B 59 -39.25 4.30 21.37
C SER B 59 -39.34 4.24 19.84
N TRP B 60 -39.93 3.16 19.32
CA TRP B 60 -40.09 2.94 17.89
C TRP B 60 -41.30 2.08 17.57
N GLU B 61 -41.67 2.06 16.29
CA GLU B 61 -42.79 1.28 15.79
C GLU B 61 -42.55 0.91 14.34
N SER B 62 -43.12 -0.22 13.94
CA SER B 62 -43.11 -0.71 12.57
C SER B 62 -44.56 -0.64 12.06
N ASN B 63 -44.73 -0.47 10.73
CA ASN B 63 -46.02 -0.38 10.03
C ASN B 63 -45.88 -0.80 8.57
N ALA B 64 -47.04 -0.96 7.87
CA ALA B 64 -47.15 -1.35 6.46
C ALA B 64 -46.25 -2.55 6.09
N ASP B 65 -46.53 -3.73 6.71
CA ASP B 65 -45.81 -5.00 6.52
C ASP B 65 -44.30 -4.82 6.82
N GLN B 66 -44.01 -4.06 7.91
CA GLN B 66 -42.67 -3.69 8.40
C GLN B 66 -41.80 -2.99 7.34
N LEU B 67 -42.43 -2.19 6.46
CA LEU B 67 -41.71 -1.41 5.44
C LEU B 67 -41.58 0.05 5.87
N VAL B 68 -42.42 0.50 6.83
CA VAL B 68 -42.38 1.85 7.36
C VAL B 68 -42.08 1.81 8.86
N TRP B 69 -40.94 2.38 9.27
CA TRP B 69 -40.53 2.43 10.67
C TRP B 69 -40.44 3.86 11.18
N THR B 70 -40.98 4.11 12.37
CA THR B 70 -40.95 5.42 12.99
C THR B 70 -40.13 5.35 14.29
N PHE B 71 -39.23 6.34 14.49
CA PHE B 71 -38.37 6.43 15.67
C PHE B 71 -38.62 7.75 16.41
N LYS B 72 -38.95 7.68 17.70
CA LYS B 72 -39.19 8.86 18.53
C LYS B 72 -37.91 9.11 19.31
N LEU B 73 -37.27 10.26 19.08
CA LEU B 73 -35.99 10.55 19.71
C LEU B 73 -36.12 11.07 21.13
N ARG B 74 -35.16 10.70 22.00
CA ARG B 74 -35.10 11.23 23.37
C ARG B 74 -34.81 12.73 23.23
N PRO B 75 -35.54 13.62 23.93
CA PRO B 75 -35.28 15.05 23.74
C PRO B 75 -34.04 15.61 24.48
N ASP B 76 -33.55 14.86 25.48
CA ASP B 76 -32.44 15.28 26.35
C ASP B 76 -30.99 15.04 25.82
N VAL B 77 -30.81 14.43 24.63
CA VAL B 77 -29.50 14.04 24.10
C VAL B 77 -28.73 15.23 23.46
N LYS B 78 -27.58 15.55 24.05
CA LYS B 78 -26.73 16.64 23.57
C LYS B 78 -25.50 16.12 22.85
N TRP B 79 -25.14 16.79 21.76
CA TRP B 79 -23.92 16.51 21.00
C TRP B 79 -22.74 17.01 21.82
N GLN B 80 -21.55 16.44 21.59
CA GLN B 80 -20.30 16.91 22.17
C GLN B 80 -19.93 18.20 21.37
N GLY B 81 -18.93 18.93 21.83
CA GLY B 81 -18.41 20.13 21.17
C GLY B 81 -19.38 21.27 20.89
N GLY B 82 -20.41 21.40 21.74
CA GLY B 82 -21.41 22.46 21.67
C GLY B 82 -22.33 22.48 20.48
N TYR B 83 -22.59 21.33 19.84
CA TYR B 83 -23.49 21.31 18.68
C TYR B 83 -24.99 21.18 19.06
N GLY B 84 -25.30 21.30 20.35
CA GLY B 84 -26.66 21.30 20.88
C GLY B 84 -27.36 19.96 20.89
N ASN B 85 -28.70 20.00 20.89
CA ASN B 85 -29.56 18.82 20.90
C ASN B 85 -29.48 18.01 19.60
N VAL B 86 -29.53 16.68 19.75
CA VAL B 86 -29.55 15.75 18.62
C VAL B 86 -30.98 15.81 18.07
N THR B 87 -31.11 16.10 16.77
CA THR B 87 -32.42 16.23 16.12
C THR B 87 -32.64 15.16 15.05
N ALA B 88 -33.90 15.09 14.56
CA ALA B 88 -34.28 14.19 13.48
C ALA B 88 -33.50 14.51 12.19
N ASP B 89 -33.16 15.80 11.96
CA ASP B 89 -32.35 16.26 10.82
C ASP B 89 -30.97 15.62 10.81
N ASP B 90 -30.34 15.43 12.00
CA ASP B 90 -29.05 14.75 12.14
C ASP B 90 -29.17 13.28 11.76
N VAL B 91 -30.27 12.61 12.18
CA VAL B 91 -30.53 11.20 11.88
C VAL B 91 -30.72 11.02 10.37
N VAL B 92 -31.54 11.89 9.75
CA VAL B 92 -31.78 11.91 8.30
C VAL B 92 -30.45 12.05 7.57
N PHE B 93 -29.63 13.07 7.94
CA PHE B 93 -28.33 13.30 7.34
C PHE B 93 -27.41 12.07 7.50
N SER B 94 -27.29 11.52 8.73
CA SER B 94 -26.43 10.37 9.02
C SER B 94 -26.80 9.13 8.20
N LEU B 95 -28.09 8.77 8.19
CA LEU B 95 -28.59 7.59 7.47
C LEU B 95 -28.53 7.76 5.95
N ASP B 96 -28.79 8.98 5.44
CA ASP B 96 -28.64 9.28 4.00
C ASP B 96 -27.17 9.18 3.58
N LYS B 97 -26.23 9.54 4.50
CA LYS B 97 -24.79 9.44 4.28
C LYS B 97 -24.38 7.95 4.32
N ALA B 98 -24.84 7.21 5.35
CA ALA B 98 -24.57 5.78 5.53
C ALA B 98 -24.99 4.95 4.30
N ARG B 99 -26.11 5.30 3.65
CA ARG B 99 -26.63 4.55 2.49
C ARG B 99 -26.05 5.02 1.12
N ASP B 100 -25.17 6.04 1.14
CA ASP B 100 -24.54 6.59 -0.05
C ASP B 100 -23.14 5.93 -0.29
N PRO B 101 -22.96 5.17 -1.41
CA PRO B 101 -21.65 4.53 -1.67
C PRO B 101 -20.48 5.49 -1.84
N LYS B 102 -20.75 6.78 -2.14
CA LYS B 102 -19.72 7.80 -2.29
C LYS B 102 -19.28 8.39 -0.95
N ARG B 103 -20.13 8.25 0.10
CA ARG B 103 -19.87 8.84 1.43
C ARG B 103 -19.87 7.82 2.58
N SER B 104 -19.77 6.53 2.23
CA SER B 104 -19.81 5.43 3.20
C SER B 104 -19.21 4.15 2.63
N ALA B 105 -18.52 3.40 3.48
CA ALA B 105 -17.95 2.09 3.17
C ALA B 105 -19.03 0.98 3.38
N PHE B 106 -20.17 1.34 4.01
CA PHE B 106 -21.20 0.37 4.38
C PHE B 106 -22.57 0.58 3.71
N SER B 107 -22.61 1.28 2.56
CA SER B 107 -23.86 1.59 1.85
C SER B 107 -24.73 0.37 1.45
N GLY B 108 -24.07 -0.74 1.07
CA GLY B 108 -24.71 -1.99 0.67
C GLY B 108 -25.68 -2.54 1.70
N ASP B 109 -25.36 -2.39 3.00
CA ASP B 109 -26.21 -2.81 4.12
C ASP B 109 -27.56 -2.09 4.11
N TYR B 110 -27.60 -0.85 3.57
CA TYR B 110 -28.77 0.04 3.55
C TYR B 110 -29.47 0.14 2.21
N ALA B 111 -29.13 -0.77 1.26
CA ALA B 111 -29.70 -0.82 -0.09
C ALA B 111 -31.24 -0.82 -0.14
N ALA B 112 -31.90 -1.48 0.83
CA ALA B 112 -33.36 -1.57 0.93
C ALA B 112 -34.06 -0.28 1.39
N ILE B 113 -33.32 0.72 1.92
CA ILE B 113 -33.91 2.00 2.33
C ILE B 113 -34.28 2.82 1.10
N GLN B 114 -35.55 3.25 1.01
CA GLN B 114 -36.08 4.09 -0.06
C GLN B 114 -35.88 5.57 0.34
N LYS B 115 -36.29 5.93 1.58
CA LYS B 115 -36.18 7.29 2.12
C LYS B 115 -36.17 7.35 3.65
N VAL B 116 -35.55 8.43 4.17
CA VAL B 116 -35.43 8.75 5.59
C VAL B 116 -35.96 10.17 5.74
N GLU B 117 -37.01 10.35 6.55
CA GLU B 117 -37.66 11.64 6.71
C GLU B 117 -37.74 12.12 8.15
N ALA B 118 -37.58 13.43 8.36
CA ALA B 118 -37.73 14.06 9.66
C ALA B 118 -39.19 14.55 9.69
N VAL B 119 -40.08 13.76 10.35
CA VAL B 119 -41.52 14.08 10.47
C VAL B 119 -41.66 15.40 11.26
N ASP B 120 -40.90 15.53 12.35
CA ASP B 120 -40.75 16.70 13.20
C ASP B 120 -39.34 16.61 13.82
N ALA B 121 -38.93 17.57 14.66
CA ALA B 121 -37.57 17.58 15.26
C ALA B 121 -37.21 16.34 16.10
N LYS B 122 -38.20 15.58 16.59
CA LYS B 122 -38.00 14.39 17.42
C LYS B 122 -38.54 13.09 16.77
N THR B 123 -38.94 13.14 15.48
CA THR B 123 -39.55 11.98 14.80
C THR B 123 -38.89 11.68 13.46
N VAL B 124 -38.39 10.44 13.30
CA VAL B 124 -37.74 9.94 12.10
C VAL B 124 -38.55 8.81 11.49
N ARG B 125 -38.87 8.92 10.18
CA ARG B 125 -39.58 7.89 9.45
C ARG B 125 -38.65 7.26 8.40
N ILE B 126 -38.48 5.94 8.47
CA ILE B 126 -37.65 5.18 7.53
C ILE B 126 -38.59 4.32 6.68
N THR B 127 -38.52 4.50 5.36
CA THR B 127 -39.33 3.73 4.41
C THR B 127 -38.42 2.79 3.65
N LEU B 128 -38.80 1.50 3.60
CA LEU B 128 -38.08 0.41 2.91
C LEU B 128 -38.84 -0.03 1.66
N THR B 129 -38.11 -0.45 0.61
CA THR B 129 -38.69 -0.93 -0.65
C THR B 129 -39.16 -2.39 -0.46
N ARG B 130 -38.30 -3.19 0.16
CA ARG B 130 -38.45 -4.61 0.45
C ARG B 130 -37.95 -4.81 1.88
N ARG B 131 -38.44 -5.85 2.58
CA ARG B 131 -38.01 -6.11 3.95
C ARG B 131 -36.55 -6.60 4.02
N VAL B 132 -35.91 -6.33 5.16
CA VAL B 132 -34.51 -6.69 5.45
C VAL B 132 -34.49 -7.77 6.53
N PRO B 133 -33.45 -8.66 6.60
CA PRO B 133 -33.45 -9.67 7.68
C PRO B 133 -33.65 -9.06 9.09
N SER B 134 -33.01 -7.90 9.41
CA SER B 134 -33.12 -7.21 10.71
C SER B 134 -32.81 -5.70 10.64
N LEU B 135 -33.86 -4.83 10.63
CA LEU B 135 -33.67 -3.38 10.56
C LEU B 135 -33.00 -2.77 11.79
N LEU B 136 -33.39 -3.18 13.01
CA LEU B 136 -32.79 -2.63 14.24
C LEU B 136 -31.26 -2.87 14.31
N ALA B 137 -30.75 -3.98 13.72
CA ALA B 137 -29.31 -4.28 13.66
C ALA B 137 -28.59 -3.22 12.80
N LEU B 138 -29.18 -2.85 11.65
CA LEU B 138 -28.69 -1.81 10.73
C LEU B 138 -28.67 -0.43 11.41
N LEU B 139 -29.56 -0.22 12.39
CA LEU B 139 -29.64 1.07 13.09
C LEU B 139 -28.96 1.04 14.46
N SER B 140 -28.22 -0.05 14.74
CA SER B 140 -27.52 -0.21 16.00
C SER B 140 -26.12 0.42 15.97
N ASN B 141 -25.45 0.41 17.14
CA ASN B 141 -24.14 1.03 17.33
C ASN B 141 -22.96 0.17 16.74
N PHE B 142 -22.97 -0.01 15.43
CA PHE B 142 -21.95 -0.74 14.68
C PHE B 142 -22.02 -0.30 13.23
N SER B 143 -20.86 -0.24 12.56
CA SER B 143 -20.73 0.16 11.15
C SER B 143 -21.51 1.46 10.83
N GLY B 144 -22.46 1.39 9.90
CA GLY B 144 -23.22 2.56 9.43
C GLY B 144 -24.34 3.08 10.30
N GLY B 145 -24.63 2.41 11.41
CA GLY B 145 -25.72 2.80 12.30
C GLY B 145 -25.45 4.03 13.17
N PHE B 146 -24.18 4.31 13.48
CA PHE B 146 -23.81 5.47 14.31
C PHE B 146 -24.29 6.80 13.75
N ILE B 147 -24.85 7.65 14.62
CA ILE B 147 -25.38 8.96 14.25
C ILE B 147 -24.34 10.06 14.48
N ILE B 148 -24.18 10.94 13.48
CA ILE B 148 -23.25 12.07 13.45
C ILE B 148 -24.01 13.40 13.28
N PRO B 149 -23.46 14.56 13.70
CA PRO B 149 -24.19 15.83 13.52
C PRO B 149 -24.01 16.38 12.11
N LYS B 150 -25.14 16.73 11.45
CA LYS B 150 -25.16 17.34 10.12
C LYS B 150 -24.27 18.61 10.08
N LYS B 151 -24.46 19.53 11.06
CA LYS B 151 -23.71 20.79 11.15
C LYS B 151 -22.21 20.57 11.37
N ALA B 152 -21.83 19.63 12.26
CA ALA B 152 -20.43 19.33 12.51
C ALA B 152 -19.75 18.74 11.28
N PHE B 153 -20.43 17.81 10.56
CA PHE B 153 -19.86 17.22 9.34
C PHE B 153 -19.71 18.27 8.22
N LYS B 154 -20.72 19.15 8.05
CA LYS B 154 -20.71 20.20 7.04
C LYS B 154 -19.60 21.22 7.29
N GLU B 155 -19.36 21.60 8.55
CA GLU B 155 -18.32 22.53 8.95
C GLU B 155 -16.92 21.94 8.84
N ARG B 156 -16.72 20.71 9.35
CA ARG B 156 -15.40 20.09 9.43
C ARG B 156 -14.97 19.32 8.16
N GLY B 157 -15.92 18.81 7.39
CA GLY B 157 -15.66 18.06 6.15
C GLY B 157 -14.59 16.98 6.27
N ASP B 158 -13.47 17.17 5.54
CA ASP B 158 -12.31 16.27 5.52
C ASP B 158 -11.63 16.14 6.88
N ASP B 159 -11.79 17.15 7.78
CA ASP B 159 -11.22 17.13 9.13
C ASP B 159 -12.10 16.37 10.14
N PHE B 160 -13.38 16.08 9.79
CA PHE B 160 -14.29 15.36 10.70
C PHE B 160 -13.70 14.03 11.15
N LYS B 161 -13.04 13.28 10.22
CA LYS B 161 -12.42 11.98 10.53
C LYS B 161 -11.32 12.05 11.61
N ARG B 162 -10.74 13.26 11.84
CA ARG B 162 -9.70 13.56 12.82
C ARG B 162 -10.25 14.36 14.01
N ARG B 163 -11.39 15.03 13.82
CA ARG B 163 -12.05 15.85 14.85
C ARG B 163 -13.51 15.37 14.99
N PRO B 164 -13.73 14.10 15.43
CA PRO B 164 -15.10 13.57 15.48
C PRO B 164 -16.01 14.20 16.53
N VAL B 165 -17.31 14.23 16.25
CA VAL B 165 -18.34 14.73 17.16
C VAL B 165 -19.41 13.67 17.27
N GLY B 166 -19.60 13.14 18.48
CA GLY B 166 -20.64 12.15 18.76
C GLY B 166 -21.50 12.56 19.94
N PHE B 167 -22.40 11.67 20.37
CA PHE B 167 -23.21 11.91 21.58
C PHE B 167 -22.90 10.81 22.62
N GLY B 168 -21.88 9.99 22.34
CA GLY B 168 -21.41 8.91 23.19
C GLY B 168 -20.75 9.36 24.48
N PRO B 169 -20.41 8.41 25.39
CA PRO B 169 -19.85 8.79 26.71
C PRO B 169 -18.46 9.43 26.70
N PHE B 170 -17.70 9.29 25.61
CA PHE B 170 -16.37 9.88 25.51
C PHE B 170 -16.19 10.69 24.26
N GLN B 171 -15.41 11.76 24.38
CA GLN B 171 -15.13 12.64 23.26
C GLN B 171 -13.64 12.65 23.00
N VAL B 172 -13.26 12.90 21.75
CA VAL B 172 -11.86 12.99 21.38
C VAL B 172 -11.38 14.40 21.73
N GLU B 173 -10.45 14.49 22.69
CA GLU B 173 -9.84 15.76 23.06
C GLU B 173 -8.75 16.08 22.01
N SER B 174 -7.91 15.09 21.67
CA SER B 174 -6.83 15.24 20.68
C SER B 174 -6.33 13.91 20.15
N ILE B 175 -5.73 13.95 18.96
CA ILE B 175 -5.06 12.81 18.33
C ILE B 175 -3.58 13.14 18.23
N GLN B 176 -2.74 12.19 18.65
CA GLN B 176 -1.29 12.29 18.56
C GLN B 176 -0.96 11.26 17.48
N PRO B 177 -0.92 11.68 16.17
CA PRO B 177 -0.76 10.69 15.07
C PRO B 177 0.36 9.67 15.27
N GLY B 178 -0.02 8.40 15.17
CA GLY B 178 0.85 7.25 15.33
C GLY B 178 1.30 6.98 16.76
N GLN B 179 0.71 7.66 17.74
CA GLN B 179 1.09 7.51 19.15
C GLN B 179 -0.10 7.15 20.03
N SER B 180 -1.10 8.02 20.09
CA SER B 180 -2.28 7.82 20.90
C SER B 180 -3.45 8.71 20.52
N VAL B 181 -4.61 8.41 21.11
CA VAL B 181 -5.82 9.21 21.05
C VAL B 181 -6.15 9.52 22.51
N THR B 182 -6.36 10.80 22.81
CA THR B 182 -6.76 11.25 24.14
C THR B 182 -8.26 11.49 24.12
N LEU B 183 -8.98 10.73 24.93
CA LEU B 183 -10.42 10.87 25.06
C LEU B 183 -10.74 11.37 26.45
N THR B 184 -11.72 12.25 26.55
CA THR B 184 -12.16 12.73 27.87
C THR B 184 -13.63 12.37 28.03
N ALA B 185 -14.07 12.31 29.29
CA ALA B 185 -15.48 12.03 29.62
C ALA B 185 -16.38 13.10 29.03
N ASN B 186 -17.51 12.68 28.44
CA ASN B 186 -18.52 13.60 27.95
C ASN B 186 -19.39 13.84 29.22
N ALA B 187 -19.15 14.98 29.89
CA ALA B 187 -19.86 15.34 31.13
C ALA B 187 -21.38 15.46 30.97
N GLU B 188 -21.83 15.77 29.73
CA GLU B 188 -23.25 15.91 29.39
C GLU B 188 -23.88 14.61 28.86
N TYR B 189 -23.17 13.46 28.95
CA TYR B 189 -23.71 12.18 28.49
C TYR B 189 -25.09 11.88 29.17
N PHE B 190 -26.14 11.67 28.34
CA PHE B 190 -27.54 11.51 28.75
C PHE B 190 -27.80 10.39 29.80
N ARG B 191 -26.99 9.32 29.82
CA ARG B 191 -27.17 8.24 30.82
C ARG B 191 -26.47 8.57 32.15
N GLY B 192 -25.66 9.63 32.16
CA GLY B 192 -24.91 10.07 33.32
C GLY B 192 -23.44 10.29 33.03
N LYS B 193 -22.81 11.12 33.87
CA LYS B 193 -21.39 11.47 33.75
C LYS B 193 -20.51 10.21 33.94
N PRO B 194 -19.56 9.95 33.02
CA PRO B 194 -18.68 8.78 33.19
C PRO B 194 -17.86 8.79 34.47
N LYS B 195 -17.56 7.58 35.00
CA LYS B 195 -16.72 7.41 36.18
C LYS B 195 -15.26 7.65 35.81
N LEU B 196 -14.90 7.39 34.54
CA LEU B 196 -13.55 7.70 34.05
C LEU B 196 -13.55 9.15 33.56
N SER B 197 -12.46 9.87 33.81
CA SER B 197 -12.33 11.25 33.35
C SER B 197 -11.56 11.31 32.02
N LYS B 198 -10.66 10.33 31.78
CA LYS B 198 -9.79 10.31 30.63
C LYS B 198 -9.41 8.89 30.18
N ILE B 199 -9.24 8.72 28.86
CA ILE B 199 -8.76 7.51 28.22
C ILE B 199 -7.55 7.89 27.37
N SER B 200 -6.42 7.22 27.62
CA SER B 200 -5.22 7.34 26.83
C SER B 200 -5.14 6.02 26.04
N TYR B 201 -5.62 6.07 24.78
CA TYR B 201 -5.70 4.95 23.85
C TYR B 201 -4.43 4.95 22.99
N ARG B 202 -3.49 4.05 23.31
CA ARG B 202 -2.15 3.97 22.75
C ARG B 202 -1.94 2.91 21.70
N PHE B 203 -1.25 3.32 20.64
CA PHE B 203 -0.87 2.50 19.49
C PHE B 203 0.43 1.79 19.80
N LEU B 204 0.33 0.49 20.15
CA LEU B 204 1.45 -0.35 20.55
C LEU B 204 1.37 -1.68 19.80
N ASN B 205 1.65 -1.61 18.49
CA ASN B 205 1.55 -2.76 17.58
C ASN B 205 2.42 -3.96 17.99
N ASN B 206 3.68 -3.71 18.36
CA ASN B 206 4.62 -4.75 18.77
C ASN B 206 4.11 -5.41 20.07
N GLU B 207 3.85 -6.73 20.00
CA GLU B 207 3.30 -7.54 21.10
C GLU B 207 4.19 -7.61 22.33
N ALA B 208 5.50 -7.84 22.14
CA ALA B 208 6.46 -7.92 23.25
C ALA B 208 6.56 -6.58 24.00
N ALA B 209 6.56 -5.44 23.27
CA ALA B 209 6.60 -4.09 23.86
C ALA B 209 5.28 -3.77 24.61
N ARG B 210 4.13 -4.16 24.05
CA ARG B 210 2.80 -3.96 24.65
C ARG B 210 2.71 -4.74 25.98
N ASP B 211 3.20 -6.00 25.99
CA ASP B 211 3.24 -6.88 27.16
C ASP B 211 4.13 -6.28 28.25
N LEU B 212 5.29 -5.70 27.87
CA LEU B 212 6.19 -5.03 28.83
C LEU B 212 5.50 -3.80 29.46
N ALA B 213 4.81 -2.99 28.63
CA ALA B 213 4.08 -1.80 29.08
C ALA B 213 2.93 -2.22 30.05
N PHE B 214 2.22 -3.32 29.73
CA PHE B 214 1.16 -3.83 30.61
C PHE B 214 1.73 -4.36 31.92
N GLU B 215 2.80 -5.16 31.88
CA GLU B 215 3.44 -5.73 33.07
C GLU B 215 3.92 -4.64 34.07
N SER B 216 4.51 -3.54 33.57
CA SER B 216 5.05 -2.45 34.38
C SER B 216 3.98 -1.55 35.04
N GLY B 217 2.73 -1.67 34.61
CA GLY B 217 1.61 -0.85 35.08
C GLY B 217 1.34 0.37 34.24
N GLU B 218 2.10 0.54 33.12
CA GLU B 218 1.97 1.65 32.17
C GLU B 218 0.60 1.59 31.51
N LEU B 219 0.08 0.36 31.29
CA LEU B 219 -1.25 0.12 30.73
C LEU B 219 -2.12 -0.60 31.75
N ASP B 220 -3.40 -0.24 31.78
CA ASP B 220 -4.42 -0.87 32.61
C ASP B 220 -5.12 -1.95 31.79
N VAL B 221 -5.11 -1.79 30.45
CA VAL B 221 -5.73 -2.69 29.48
C VAL B 221 -4.75 -2.88 28.30
N GLU B 222 -4.67 -4.11 27.80
CA GLU B 222 -3.88 -4.42 26.60
C GLU B 222 -4.57 -5.45 25.72
N GLN B 223 -4.39 -5.30 24.41
CA GLN B 223 -4.88 -6.27 23.45
C GLN B 223 -3.92 -7.47 23.52
N GLY B 224 -4.47 -8.67 23.41
CA GLY B 224 -3.68 -9.88 23.36
C GLY B 224 -3.53 -10.38 21.94
N ASN B 225 -3.23 -11.68 21.82
CA ASN B 225 -3.09 -12.34 20.52
C ASN B 225 -3.92 -13.65 20.51
N GLN B 226 -3.73 -14.51 19.50
CA GLN B 226 -4.53 -15.75 19.39
C GLN B 226 -3.84 -16.99 19.95
N ASP B 227 -2.65 -16.81 20.57
N ASP B 227 -2.66 -16.81 20.56
CA ASP B 227 -1.85 -17.89 21.15
CA ASP B 227 -1.86 -17.90 21.11
C ASP B 227 -2.22 -18.18 22.60
C ASP B 227 -2.18 -18.19 22.58
N GLN B 228 -2.41 -19.48 22.91
CA GLN B 228 -2.74 -19.97 24.26
C GLN B 228 -1.63 -19.69 25.28
N ARG B 229 -0.35 -19.63 24.82
CA ARG B 229 0.79 -19.26 25.63
C ARG B 229 0.64 -17.83 26.17
N TRP B 230 0.09 -16.88 25.36
CA TRP B 230 -0.13 -15.50 25.84
C TRP B 230 -1.16 -15.51 26.98
N LEU B 231 -2.26 -16.24 26.78
CA LEU B 231 -3.34 -16.45 27.73
C LEU B 231 -2.78 -16.98 29.07
N GLN B 232 -1.92 -18.01 29.01
CA GLN B 232 -1.29 -18.65 30.17
C GLN B 232 -0.33 -17.70 30.89
N ARG B 233 0.55 -17.03 30.15
CA ARG B 233 1.54 -16.09 30.68
C ARG B 233 0.89 -14.94 31.45
N LEU B 234 -0.19 -14.36 30.87
CA LEU B 234 -0.92 -13.24 31.46
C LEU B 234 -1.70 -13.63 32.70
N THR B 235 -2.32 -14.82 32.68
CA THR B 235 -3.08 -15.33 33.82
C THR B 235 -2.14 -15.69 35.01
N ALA B 236 -0.89 -16.10 34.74
CA ALA B 236 0.11 -16.45 35.78
C ALA B 236 0.39 -15.29 36.77
N ASN B 237 0.25 -14.03 36.32
CA ASN B 237 0.41 -12.89 37.21
C ASN B 237 -0.96 -12.64 37.88
N PRO B 238 -1.05 -12.67 39.23
CA PRO B 238 -2.36 -12.49 39.91
C PRO B 238 -3.03 -11.11 39.77
N GLU B 239 -2.27 -10.07 39.39
CA GLU B 239 -2.88 -8.76 39.21
C GLU B 239 -3.65 -8.64 37.88
N ASN B 240 -3.59 -9.69 37.04
CA ASN B 240 -4.21 -9.71 35.72
C ASN B 240 -5.45 -10.57 35.58
N VAL B 241 -6.39 -10.10 34.74
CA VAL B 241 -7.62 -10.78 34.34
C VAL B 241 -7.61 -10.80 32.81
N VAL B 242 -7.84 -11.99 32.21
CA VAL B 242 -7.89 -12.17 30.76
C VAL B 242 -9.33 -12.33 30.30
N ASP B 243 -9.71 -11.64 29.23
CA ASP B 243 -11.03 -11.69 28.62
C ASP B 243 -10.94 -12.26 27.22
N THR B 244 -11.82 -13.22 26.92
CA THR B 244 -12.00 -13.82 25.60
C THR B 244 -13.42 -13.39 25.24
N ILE B 245 -13.54 -12.51 24.24
CA ILE B 245 -14.86 -11.97 23.94
C ILE B 245 -15.36 -12.22 22.51
N GLU B 246 -16.69 -12.28 22.42
CA GLU B 246 -17.46 -12.49 21.20
C GLU B 246 -17.61 -11.16 20.44
N PRO B 247 -17.85 -11.18 19.11
CA PRO B 247 -17.94 -12.38 18.24
C PRO B 247 -16.54 -12.84 17.80
N ALA B 248 -16.44 -14.10 17.36
CA ALA B 248 -15.22 -14.65 16.82
C ALA B 248 -15.03 -14.09 15.39
N GLU B 249 -13.83 -13.63 15.06
CA GLU B 249 -13.59 -13.09 13.72
C GLU B 249 -13.05 -14.21 12.84
N LEU B 250 -13.72 -14.45 11.70
CA LEU B 250 -13.31 -15.50 10.77
C LEU B 250 -12.22 -15.04 9.78
N ASN B 251 -11.16 -15.84 9.69
CA ASN B 251 -10.06 -15.62 8.76
C ASN B 251 -10.20 -16.54 7.58
N LEU B 252 -10.08 -15.96 6.37
CA LEU B 252 -10.17 -16.71 5.12
C LEU B 252 -9.08 -16.26 4.17
N LEU B 253 -8.69 -17.18 3.27
CA LEU B 253 -7.82 -16.86 2.17
C LEU B 253 -8.75 -16.61 0.99
N HIS B 254 -9.00 -15.33 0.65
CA HIS B 254 -9.85 -14.96 -0.49
C HIS B 254 -8.96 -14.96 -1.72
N ILE B 255 -9.22 -15.87 -2.67
CA ILE B 255 -8.42 -16.02 -3.90
C ILE B 255 -9.08 -15.28 -5.06
N ASN B 256 -8.36 -14.34 -5.71
CA ASN B 256 -8.91 -13.67 -6.90
C ASN B 256 -8.98 -14.73 -8.02
N ILE B 257 -10.21 -15.20 -8.30
CA ILE B 257 -10.51 -16.25 -9.29
C ILE B 257 -10.31 -15.79 -10.76
N THR B 258 -10.11 -14.50 -11.01
CA THR B 258 -9.91 -13.97 -12.37
C THR B 258 -8.43 -13.87 -12.76
N LYS B 259 -7.51 -14.03 -11.79
CA LYS B 259 -6.08 -13.89 -12.06
C LYS B 259 -5.33 -15.20 -12.18
N PRO B 260 -4.58 -15.42 -13.29
CA PRO B 260 -3.73 -16.63 -13.41
C PRO B 260 -2.67 -16.65 -12.31
N PRO B 261 -2.29 -17.82 -11.74
CA PRO B 261 -2.72 -19.19 -12.10
C PRO B 261 -4.03 -19.64 -11.45
N PHE B 262 -4.60 -18.80 -10.57
CA PHE B 262 -5.79 -19.11 -9.79
C PHE B 262 -7.14 -18.99 -10.55
N ASN B 263 -7.10 -18.72 -11.86
CA ASN B 263 -8.33 -18.71 -12.67
C ASN B 263 -8.65 -20.15 -13.11
N ASP B 264 -7.72 -21.09 -12.81
CA ASP B 264 -7.90 -22.53 -13.02
C ASP B 264 -8.31 -23.08 -11.65
N ILE B 265 -9.53 -23.64 -11.56
CA ILE B 265 -10.11 -24.19 -10.32
C ILE B 265 -9.19 -25.25 -9.66
N ARG B 266 -8.40 -26.01 -10.48
CA ARG B 266 -7.47 -27.04 -9.99
C ARG B 266 -6.39 -26.46 -9.11
N VAL B 267 -5.91 -25.23 -9.42
CA VAL B 267 -4.88 -24.51 -8.65
C VAL B 267 -5.48 -24.06 -7.31
N ARG B 268 -6.73 -23.57 -7.34
CA ARG B 268 -7.47 -23.15 -6.13
C ARG B 268 -7.73 -24.37 -5.23
N GLN B 269 -8.17 -25.50 -5.83
CA GLN B 269 -8.40 -26.77 -5.12
C GLN B 269 -7.10 -27.28 -4.50
N ALA B 270 -5.97 -27.20 -5.25
CA ALA B 270 -4.65 -27.60 -4.76
C ALA B 270 -4.27 -26.79 -3.51
N LEU B 271 -4.51 -25.46 -3.51
CA LEU B 271 -4.24 -24.63 -2.34
C LEU B 271 -5.12 -25.04 -1.14
N ALA B 272 -6.43 -25.27 -1.39
CA ALA B 272 -7.40 -25.68 -0.36
C ALA B 272 -7.04 -27.00 0.30
N HIS B 273 -6.45 -27.95 -0.48
CA HIS B 273 -6.00 -29.26 -0.01
C HIS B 273 -4.65 -29.24 0.76
N THR B 274 -3.93 -28.10 0.81
CA THR B 274 -2.64 -28.09 1.53
C THR B 274 -2.66 -27.07 2.70
N VAL B 275 -3.85 -26.59 3.00
CA VAL B 275 -4.13 -25.74 4.14
C VAL B 275 -4.73 -26.70 5.21
N ASN B 276 -4.33 -26.54 6.48
CA ASN B 276 -4.84 -27.36 7.58
C ASN B 276 -5.35 -26.46 8.73
N ALA B 277 -6.63 -26.06 8.63
CA ALA B 277 -7.28 -25.20 9.62
C ALA B 277 -7.36 -25.85 11.01
N ALA B 278 -7.56 -27.20 11.08
CA ALA B 278 -7.61 -27.95 12.33
C ALA B 278 -6.26 -27.86 13.06
N GLN B 279 -5.13 -27.98 12.34
N GLN B 279 -5.12 -27.97 12.32
CA GLN B 279 -3.80 -27.88 12.94
CA GLN B 279 -3.76 -27.87 12.86
C GLN B 279 -3.49 -26.46 13.45
C GLN B 279 -3.50 -26.47 13.45
N ILE B 280 -4.00 -25.41 12.76
CA ILE B 280 -3.86 -24.00 13.18
C ILE B 280 -4.62 -23.79 14.50
N ALA B 281 -5.89 -24.28 14.60
CA ALA B 281 -6.70 -24.18 15.82
C ALA B 281 -6.01 -24.88 17.00
N LYS B 282 -5.43 -26.08 16.76
CA LYS B 282 -4.73 -26.88 17.78
C LYS B 282 -3.44 -26.18 18.23
N TYR B 283 -2.66 -25.65 17.28
CA TYR B 283 -1.42 -24.91 17.54
C TYR B 283 -1.73 -23.63 18.36
N ARG B 284 -2.75 -22.87 17.94
CA ARG B 284 -3.09 -21.61 18.62
C ARG B 284 -3.81 -21.79 19.96
N GLY B 285 -4.70 -22.78 20.05
CA GLY B 285 -5.47 -23.07 21.25
C GLY B 285 -6.95 -23.06 20.96
N GLU B 286 -7.64 -24.12 21.39
CA GLU B 286 -9.07 -24.35 21.14
C GLU B 286 -10.03 -23.45 21.91
N ARG B 287 -9.59 -22.83 23.03
CA ARG B 287 -10.44 -21.92 23.80
C ARG B 287 -10.75 -20.65 22.97
N VAL B 288 -9.73 -20.11 22.29
CA VAL B 288 -9.86 -18.89 21.50
C VAL B 288 -10.14 -19.16 20.00
N ASN B 289 -9.60 -20.27 19.49
CA ASN B 289 -9.64 -20.56 18.07
C ASN B 289 -10.36 -21.84 17.69
N ARG B 290 -11.08 -21.80 16.58
CA ARG B 290 -11.73 -22.98 16.03
C ARG B 290 -11.73 -22.94 14.51
N ALA B 291 -11.48 -24.11 13.88
CA ALA B 291 -11.55 -24.30 12.42
C ALA B 291 -13.04 -24.18 12.05
N VAL B 292 -13.35 -23.51 10.94
CA VAL B 292 -14.75 -23.27 10.54
C VAL B 292 -15.07 -24.09 9.28
N PRO B 293 -16.07 -24.99 9.35
CA PRO B 293 -16.41 -25.83 8.17
C PRO B 293 -17.26 -25.13 7.10
N SER B 294 -17.15 -23.80 6.97
CA SER B 294 -17.82 -22.98 5.95
C SER B 294 -17.10 -21.63 5.74
N VAL B 295 -17.63 -20.79 4.82
CA VAL B 295 -17.05 -19.50 4.42
C VAL B 295 -17.63 -18.30 5.20
N ILE B 296 -18.47 -18.56 6.21
CA ILE B 296 -19.05 -17.51 7.06
C ILE B 296 -18.84 -17.91 8.53
N PRO B 297 -18.81 -16.96 9.50
CA PRO B 297 -18.60 -17.37 10.91
C PRO B 297 -19.70 -18.30 11.43
N SER B 298 -19.30 -19.24 12.30
CA SER B 298 -20.16 -20.29 12.85
C SER B 298 -21.39 -19.79 13.64
N ASN B 299 -21.35 -18.56 14.19
CA ASN B 299 -22.44 -17.99 14.98
C ASN B 299 -23.58 -17.42 14.11
N ASN B 300 -23.42 -17.43 12.77
CA ASN B 300 -24.41 -16.88 11.83
C ASN B 300 -25.66 -17.73 11.65
N LEU B 301 -26.83 -17.08 11.65
CA LEU B 301 -28.08 -17.74 11.30
C LEU B 301 -27.92 -18.07 9.79
N GLY B 302 -28.07 -19.35 9.44
CA GLY B 302 -27.89 -19.85 8.07
C GLY B 302 -26.57 -20.53 7.85
N PHE B 303 -25.70 -20.57 8.90
CA PHE B 303 -24.39 -21.24 8.87
C PHE B 303 -24.52 -22.70 8.42
N ASP B 304 -23.63 -23.12 7.50
CA ASP B 304 -23.64 -24.47 6.98
C ASP B 304 -22.46 -25.29 7.53
N PRO B 305 -22.67 -26.16 8.56
CA PRO B 305 -21.55 -26.99 9.05
C PRO B 305 -21.12 -28.09 8.06
N ASP B 306 -21.92 -28.31 7.00
CA ASP B 306 -21.67 -29.31 5.95
C ASP B 306 -21.49 -28.66 4.56
N ALA B 307 -20.81 -27.49 4.52
CA ALA B 307 -20.59 -26.74 3.28
C ALA B 307 -19.66 -27.42 2.27
N GLY B 308 -18.93 -28.46 2.71
CA GLY B 308 -18.06 -29.26 1.84
C GLY B 308 -16.64 -28.76 1.73
N VAL B 309 -16.09 -28.20 2.82
CA VAL B 309 -14.72 -27.66 2.89
C VAL B 309 -13.72 -28.76 2.48
N LEU B 310 -12.80 -28.41 1.58
CA LEU B 310 -11.80 -29.34 1.04
C LEU B 310 -10.85 -29.81 2.13
N ASN B 311 -10.64 -31.12 2.21
CA ASN B 311 -9.83 -31.76 3.25
C ASN B 311 -8.33 -31.56 3.06
N TYR B 312 -7.57 -31.86 4.11
CA TYR B 312 -6.12 -31.78 4.06
C TYR B 312 -5.58 -33.01 3.33
N ASP B 313 -5.04 -32.80 2.12
CA ASP B 313 -4.49 -33.84 1.27
C ASP B 313 -3.42 -33.22 0.35
N PRO B 314 -2.19 -32.94 0.87
CA PRO B 314 -1.17 -32.28 0.04
C PRO B 314 -0.65 -33.12 -1.14
N ALA B 315 -0.83 -34.47 -1.12
CA ALA B 315 -0.45 -35.34 -2.25
C ALA B 315 -1.39 -35.04 -3.43
N GLN B 316 -2.68 -34.79 -3.15
CA GLN B 316 -3.68 -34.39 -4.14
C GLN B 316 -3.38 -32.98 -4.67
N SER B 317 -2.89 -32.05 -3.80
CA SER B 317 -2.47 -30.68 -4.19
C SER B 317 -1.40 -30.76 -5.29
N LYS B 318 -0.36 -31.58 -5.07
CA LYS B 318 0.75 -31.79 -6.02
C LYS B 318 0.25 -32.40 -7.34
N LYS B 319 -0.73 -33.34 -7.26
CA LYS B 319 -1.34 -33.98 -8.44
C LYS B 319 -2.17 -32.95 -9.24
N LEU B 320 -2.99 -32.14 -8.55
CA LEU B 320 -3.82 -31.08 -9.16
C LEU B 320 -2.93 -30.02 -9.84
N LEU B 321 -1.81 -29.64 -9.21
CA LEU B 321 -0.88 -28.67 -9.77
C LEU B 321 -0.21 -29.19 -11.05
N ALA B 322 0.19 -30.50 -11.06
CA ALA B 322 0.78 -31.16 -12.24
C ALA B 322 -0.22 -31.19 -13.39
N GLU B 323 -1.52 -31.44 -13.09
CA GLU B 323 -2.62 -31.45 -14.07
C GLU B 323 -2.85 -30.05 -14.64
N ALA B 324 -2.61 -29.01 -13.83
CA ALA B 324 -2.76 -27.60 -14.20
C ALA B 324 -1.55 -27.02 -14.96
N GLY B 325 -0.51 -27.85 -15.15
CA GLY B 325 0.70 -27.48 -15.87
C GLY B 325 1.82 -26.95 -14.98
N PHE B 326 1.79 -27.34 -13.69
CA PHE B 326 2.78 -26.92 -12.69
C PHE B 326 3.41 -28.16 -11.99
N PRO B 327 4.26 -28.95 -12.69
CA PRO B 327 4.84 -30.15 -12.05
C PRO B 327 5.87 -29.86 -10.94
N ASN B 328 6.42 -28.64 -10.91
CA ASN B 328 7.41 -28.24 -9.90
C ASN B 328 6.86 -27.19 -8.93
N GLY B 329 5.54 -27.13 -8.82
CA GLY B 329 4.86 -26.20 -7.92
C GLY B 329 4.56 -24.84 -8.49
N VAL B 330 4.02 -23.97 -7.63
CA VAL B 330 3.57 -22.60 -7.91
C VAL B 330 4.15 -21.64 -6.87
N THR B 331 4.59 -20.44 -7.32
CA THR B 331 5.04 -19.37 -6.44
C THR B 331 3.95 -18.29 -6.46
N VAL B 332 3.53 -17.84 -5.27
CA VAL B 332 2.52 -16.79 -5.10
C VAL B 332 3.08 -15.74 -4.16
N THR B 333 2.91 -14.46 -4.52
CA THR B 333 3.33 -13.35 -3.68
C THR B 333 2.08 -12.71 -3.12
N VAL B 335 0.39 -9.87 -0.53
CA VAL B 335 0.55 -8.62 0.23
C VAL B 335 -0.10 -8.96 1.59
N ALA B 336 0.71 -8.97 2.64
CA ALA B 336 0.27 -9.40 3.97
C ALA B 336 0.28 -8.31 5.02
N SER B 337 -0.82 -8.21 5.77
CA SER B 337 -0.95 -7.24 6.84
C SER B 337 0.09 -7.50 7.96
N GLN B 338 0.59 -6.40 8.56
CA GLN B 338 1.51 -6.43 9.69
C GLN B 338 0.78 -6.37 11.05
N LEU B 339 -0.57 -6.46 11.05
CA LEU B 339 -1.35 -6.66 12.29
C LEU B 339 -0.75 -8.02 12.80
N PRO B 340 -0.15 -8.08 14.03
CA PRO B 340 0.62 -9.29 14.42
C PRO B 340 -0.10 -10.63 14.28
N GLY B 341 -1.39 -10.68 14.60
CA GLY B 341 -2.17 -11.90 14.46
C GLY B 341 -2.29 -12.37 13.03
N LEU B 342 -2.53 -11.42 12.08
CA LEU B 342 -2.59 -11.73 10.65
C LEU B 342 -1.22 -12.12 10.10
N GLU B 343 -0.14 -11.47 10.63
CA GLU B 343 1.22 -11.78 10.21
C GLU B 343 1.63 -13.21 10.61
N SER B 344 1.38 -13.60 11.88
CA SER B 344 1.69 -14.93 12.36
C SER B 344 0.84 -15.99 11.64
N LEU B 345 -0.43 -15.67 11.33
CA LEU B 345 -1.33 -16.56 10.59
C LEU B 345 -0.80 -16.81 9.16
N ALA B 346 -0.37 -15.74 8.45
CA ALA B 346 0.22 -15.82 7.11
C ALA B 346 1.48 -16.71 7.15
N GLN B 347 2.28 -16.60 8.22
CA GLN B 347 3.50 -17.40 8.38
C GLN B 347 3.19 -18.88 8.61
N LEU B 348 2.10 -19.20 9.32
CA LEU B 348 1.66 -20.59 9.52
C LEU B 348 1.20 -21.17 8.17
N ILE B 349 0.41 -20.37 7.39
CA ILE B 349 -0.08 -20.77 6.07
CA ILE B 349 -0.08 -20.75 6.05
C ILE B 349 1.12 -21.05 5.14
N GLN B 350 2.12 -20.13 5.12
CA GLN B 350 3.35 -20.23 4.32
C GLN B 350 4.04 -21.61 4.55
N ALA B 351 4.21 -22.02 5.82
CA ALA B 351 4.82 -23.32 6.17
C ALA B 351 3.96 -24.51 5.68
N GLN B 352 2.63 -24.43 5.91
CA GLN B 352 1.66 -25.48 5.53
C GLN B 352 1.55 -25.73 4.03
N VAL B 353 1.42 -24.66 3.22
CA VAL B 353 1.17 -24.77 1.78
C VAL B 353 2.41 -25.24 0.99
N ALA B 354 3.62 -25.22 1.62
CA ALA B 354 4.85 -25.74 1.00
C ALA B 354 4.73 -27.26 0.80
N GLU B 355 3.98 -27.94 1.69
CA GLU B 355 3.71 -29.38 1.65
C GLU B 355 3.02 -29.78 0.33
N GLY B 356 2.09 -28.95 -0.15
CA GLY B 356 1.35 -29.18 -1.39
C GLY B 356 1.89 -28.54 -2.65
N GLY B 357 3.13 -28.04 -2.59
CA GLY B 357 3.81 -27.44 -3.74
C GLY B 357 3.70 -25.94 -3.92
N PHE B 358 3.20 -25.21 -2.92
CA PHE B 358 3.11 -23.76 -3.02
C PHE B 358 4.24 -23.06 -2.29
N THR B 359 4.93 -22.15 -2.99
CA THR B 359 5.94 -21.28 -2.37
C THR B 359 5.21 -19.96 -2.18
N LEU B 360 4.79 -19.69 -0.94
CA LEU B 360 4.09 -18.45 -0.63
C LEU B 360 5.08 -17.40 -0.11
N ASN B 361 5.25 -16.33 -0.89
CA ASN B 361 6.08 -15.19 -0.50
C ASN B 361 5.18 -14.14 0.12
N LEU B 362 5.64 -13.57 1.24
CA LEU B 362 4.86 -12.58 1.96
C LEU B 362 5.51 -11.21 1.86
N GLN B 363 4.72 -10.24 1.36
CA GLN B 363 5.13 -8.84 1.20
C GLN B 363 4.47 -8.09 2.40
N PRO B 364 5.19 -7.89 3.52
CA PRO B 364 4.56 -7.25 4.70
C PRO B 364 4.30 -5.75 4.53
N VAL B 365 3.09 -5.32 4.90
CA VAL B 365 2.63 -3.91 4.80
C VAL B 365 1.85 -3.58 6.08
N GLU B 366 2.03 -2.35 6.60
CA GLU B 366 1.27 -1.81 7.73
C GLU B 366 -0.25 -2.01 7.44
N HIS B 367 -0.99 -2.51 8.47
CA HIS B 367 -2.40 -2.90 8.45
C HIS B 367 -3.36 -1.95 7.69
N ALA B 368 -3.42 -0.65 8.07
CA ALA B 368 -4.28 0.34 7.44
C ALA B 368 -3.93 0.58 5.96
N ALA B 369 -2.63 0.66 5.61
CA ALA B 369 -2.18 0.82 4.22
C ALA B 369 -2.55 -0.46 3.44
N TRP B 370 -2.36 -1.64 4.07
CA TRP B 370 -2.74 -2.93 3.50
C TRP B 370 -4.25 -2.99 3.18
N HIS B 371 -5.11 -2.43 4.10
CA HIS B 371 -6.56 -2.35 3.89
C HIS B 371 -6.91 -1.62 2.56
N GLN B 372 -6.19 -0.55 2.22
N GLN B 372 -6.17 -0.53 2.26
CA GLN B 372 -6.46 0.19 1.00
CA GLN B 372 -6.32 0.29 1.05
C GLN B 372 -5.86 -0.50 -0.26
C GLN B 372 -5.86 -0.49 -0.21
N ILE B 374 -5.48 -3.92 -0.77
CA ILE B 374 -6.35 -5.06 -1.09
C ILE B 374 -7.65 -4.58 -1.80
N ARG B 375 -8.09 -3.34 -1.49
CA ARG B 375 -9.27 -2.70 -2.06
C ARG B 375 -8.98 -2.03 -3.43
N LYS B 376 -7.73 -2.19 -3.94
CA LYS B 376 -7.26 -1.77 -5.26
C LYS B 376 -6.79 -2.99 -6.06
N ASP B 377 -7.17 -4.21 -5.61
CA ASP B 377 -6.82 -5.50 -6.23
C ASP B 377 -5.30 -5.71 -6.35
N LEU B 378 -4.52 -5.27 -5.35
CA LEU B 378 -3.07 -5.38 -5.44
C LEU B 378 -2.52 -6.72 -4.94
N SER B 379 -3.39 -7.59 -4.40
CA SER B 379 -2.94 -8.90 -3.92
C SER B 379 -3.73 -10.03 -4.60
N PRO B 380 -3.04 -11.06 -5.15
CA PRO B 380 -3.76 -12.17 -5.80
C PRO B 380 -4.59 -13.01 -4.83
N ILE B 381 -4.15 -13.05 -3.55
CA ILE B 381 -4.80 -13.74 -2.43
C ILE B 381 -4.84 -12.73 -1.28
N VAL B 382 -5.96 -12.70 -0.55
CA VAL B 382 -6.15 -11.81 0.59
C VAL B 382 -6.49 -12.62 1.82
N LEU B 383 -5.60 -12.55 2.83
CA LEU B 383 -5.84 -13.17 4.12
C LEU B 383 -6.57 -12.10 4.97
N TYR B 384 -7.90 -12.22 5.05
CA TYR B 384 -8.77 -11.26 5.74
C TYR B 384 -9.50 -11.87 6.94
N GLY B 385 -9.58 -11.12 8.03
CA GLY B 385 -10.27 -11.53 9.24
C GLY B 385 -11.43 -10.59 9.53
N ALA B 386 -12.64 -11.15 9.81
CA ALA B 386 -13.84 -10.34 10.12
C ALA B 386 -15.01 -11.13 10.69
N ALA B 387 -15.83 -10.42 11.46
CA ALA B 387 -17.13 -10.86 11.96
C ALA B 387 -18.12 -9.78 11.47
N ARG B 388 -19.35 -10.17 11.18
CA ARG B 388 -20.40 -9.23 10.77
C ARG B 388 -21.63 -9.53 11.63
N PHE B 389 -22.77 -8.80 11.44
CA PHE B 389 -24.03 -9.10 12.15
C PHE B 389 -24.35 -10.57 11.88
N PRO B 390 -24.63 -11.35 12.95
CA PRO B 390 -24.77 -12.81 12.78
C PRO B 390 -25.96 -13.37 12.00
N ILE B 391 -26.21 -12.82 10.81
CA ILE B 391 -27.21 -13.25 9.83
C ILE B 391 -26.40 -13.45 8.54
N ALA B 392 -26.44 -14.68 7.96
CA ALA B 392 -25.65 -15.06 6.77
C ALA B 392 -25.62 -14.02 5.64
N ASP B 393 -26.75 -13.31 5.40
CA ASP B 393 -26.88 -12.27 4.39
C ASP B 393 -25.72 -11.24 4.40
N TYR B 394 -25.31 -10.78 5.60
CA TYR B 394 -24.24 -9.78 5.76
C TYR B 394 -22.90 -10.29 5.24
N TYR B 395 -22.39 -11.40 5.80
CA TYR B 395 -21.12 -11.97 5.37
C TYR B 395 -21.15 -12.42 3.90
N LEU B 396 -22.24 -13.08 3.47
CA LEU B 396 -22.40 -13.55 2.09
C LEU B 396 -22.40 -12.43 1.06
N THR B 397 -23.19 -11.36 1.30
CA THR B 397 -23.27 -10.21 0.38
C THR B 397 -21.94 -9.48 0.28
N GLN B 398 -21.39 -9.08 1.43
CA GLN B 398 -20.16 -8.28 1.50
C GLN B 398 -18.92 -8.98 0.93
N PHE B 399 -18.78 -10.27 1.20
CA PHE B 399 -17.61 -11.01 0.75
C PHE B 399 -17.77 -11.79 -0.54
N TYR B 400 -19.00 -12.24 -0.92
CA TYR B 400 -19.12 -13.16 -2.06
C TYR B 400 -20.14 -12.79 -3.13
N HIS B 401 -20.97 -11.75 -2.93
CA HIS B 401 -21.89 -11.32 -3.99
C HIS B 401 -21.08 -10.53 -5.03
N SER B 402 -21.33 -10.76 -6.34
CA SER B 402 -20.60 -10.10 -7.44
C SER B 402 -20.65 -8.56 -7.40
N ALA B 403 -21.72 -7.96 -6.81
CA ALA B 403 -21.83 -6.50 -6.69
C ALA B 403 -20.77 -5.93 -5.73
N SER B 404 -20.34 -6.73 -4.75
CA SER B 404 -19.35 -6.34 -3.73
C SER B 404 -17.88 -6.49 -4.19
N GLU B 405 -17.64 -7.01 -5.39
CA GLU B 405 -16.27 -7.23 -5.85
C GLU B 405 -15.48 -5.94 -6.11
N ILE B 406 -14.19 -5.99 -5.77
CA ILE B 406 -13.21 -4.91 -5.94
C ILE B 406 -13.21 -4.40 -7.39
N GLY B 407 -13.31 -3.08 -7.55
CA GLY B 407 -13.31 -2.42 -8.84
C GLY B 407 -14.66 -1.83 -9.22
N LYS B 408 -15.72 -2.22 -8.49
CA LYS B 408 -17.07 -1.72 -8.75
C LYS B 408 -17.41 -0.54 -7.83
N PRO B 409 -18.29 0.41 -8.22
CA PRO B 409 -18.64 1.50 -7.28
C PRO B 409 -19.39 1.00 -6.04
N THR B 410 -19.95 -0.22 -6.13
CA THR B 410 -20.67 -0.91 -5.05
C THR B 410 -19.74 -1.88 -4.27
N GLN B 411 -18.42 -1.87 -4.54
CA GLN B 411 -17.46 -2.77 -3.88
C GLN B 411 -17.54 -2.74 -2.35
N VAL B 412 -17.36 -3.92 -1.76
CA VAL B 412 -17.28 -4.07 -0.32
C VAL B 412 -15.97 -4.80 -0.04
N VAL B 413 -16.04 -6.12 0.25
CA VAL B 413 -14.87 -6.93 0.61
C VAL B 413 -14.82 -8.24 -0.19
N ASN B 414 -15.38 -8.23 -1.40
CA ASN B 414 -15.31 -9.41 -2.25
C ASN B 414 -13.96 -9.38 -3.01
N PHE B 415 -12.91 -9.83 -2.33
CA PHE B 415 -11.54 -9.88 -2.86
C PHE B 415 -11.32 -11.02 -3.84
N SER B 416 -12.15 -12.07 -3.73
CA SER B 416 -12.07 -13.25 -4.57
C SER B 416 -12.71 -13.04 -5.94
N HIS B 417 -13.58 -12.01 -6.09
CA HIS B 417 -14.34 -11.73 -7.31
C HIS B 417 -15.36 -12.87 -7.55
N CYS B 418 -15.86 -13.44 -6.44
CA CYS B 418 -16.86 -14.50 -6.43
C CYS B 418 -18.13 -14.00 -7.13
N ASN B 419 -18.70 -14.83 -8.00
CA ASN B 419 -19.93 -14.50 -8.73
C ASN B 419 -20.83 -15.75 -8.92
N VAL B 420 -20.61 -16.81 -8.12
CA VAL B 420 -21.32 -18.10 -8.26
C VAL B 420 -22.59 -18.26 -7.39
N ALA B 421 -22.83 -17.37 -6.42
CA ALA B 421 -23.96 -17.51 -5.50
C ALA B 421 -24.90 -16.30 -5.46
N ASP B 422 -24.84 -15.44 -6.51
CA ASP B 422 -25.68 -14.25 -6.63
C ASP B 422 -27.18 -14.52 -6.45
N LYS B 423 -27.73 -15.49 -7.21
CA LYS B 423 -29.14 -15.88 -7.18
C LYS B 423 -29.60 -16.35 -5.79
N GLN B 424 -28.81 -17.25 -5.14
CA GLN B 424 -29.11 -17.80 -3.81
C GLN B 424 -29.07 -16.71 -2.74
N ILE B 425 -28.05 -15.83 -2.78
CA ILE B 425 -27.90 -14.71 -1.84
C ILE B 425 -29.08 -13.73 -1.94
N GLU B 426 -29.46 -13.35 -3.17
CA GLU B 426 -30.57 -12.42 -3.43
C GLU B 426 -31.91 -13.01 -3.02
N ALA B 427 -32.18 -14.29 -3.37
CA ALA B 427 -33.42 -15.00 -3.02
C ALA B 427 -33.60 -15.13 -1.51
N ALA B 428 -32.53 -15.55 -0.78
CA ALA B 428 -32.52 -15.71 0.68
C ALA B 428 -32.86 -14.45 1.45
N ARG B 429 -32.39 -13.29 0.95
CA ARG B 429 -32.56 -11.97 1.55
C ARG B 429 -34.01 -11.54 1.80
N THR B 430 -34.94 -11.88 0.88
CA THR B 430 -36.35 -11.49 0.95
C THR B 430 -37.31 -12.67 1.25
N GLU B 431 -36.76 -13.89 1.40
CA GLU B 431 -37.49 -15.14 1.65
C GLU B 431 -38.19 -15.13 3.03
N THR B 432 -39.52 -15.35 3.03
CA THR B 432 -40.37 -15.31 4.23
C THR B 432 -40.42 -16.63 5.00
N ASP B 433 -40.20 -17.79 4.34
CA ASP B 433 -40.17 -19.08 5.02
C ASP B 433 -38.76 -19.18 5.65
N PRO B 434 -38.64 -19.25 7.01
CA PRO B 434 -37.29 -19.25 7.62
C PRO B 434 -36.43 -20.46 7.26
N ASN B 435 -37.06 -21.62 6.99
CA ASN B 435 -36.36 -22.84 6.61
C ASN B 435 -35.82 -22.77 5.18
N LYS B 436 -36.60 -22.17 4.25
CA LYS B 436 -36.21 -21.96 2.86
C LYS B 436 -35.09 -20.92 2.80
N GLN B 437 -35.18 -19.87 3.63
CA GLN B 437 -34.17 -18.84 3.76
C GLN B 437 -32.81 -19.45 4.21
N ILE B 438 -32.82 -20.31 5.25
CA ILE B 438 -31.63 -21.03 5.73
C ILE B 438 -31.11 -21.98 4.63
N GLU B 439 -32.02 -22.68 3.92
CA GLU B 439 -31.62 -23.59 2.84
C GLU B 439 -30.91 -22.86 1.68
N LEU B 440 -31.37 -21.64 1.33
CA LEU B 440 -30.75 -20.83 0.28
C LEU B 440 -29.38 -20.29 0.71
N TRP B 441 -29.24 -19.94 2.01
CA TRP B 441 -27.98 -19.50 2.59
C TRP B 441 -26.95 -20.64 2.58
N LYS B 442 -27.41 -21.88 2.86
CA LYS B 442 -26.58 -23.09 2.83
C LYS B 442 -26.16 -23.43 1.40
N GLU B 443 -27.10 -23.28 0.42
CA GLU B 443 -26.82 -23.51 -1.00
C GLU B 443 -25.71 -22.55 -1.46
N ALA B 444 -25.80 -21.25 -1.06
CA ALA B 444 -24.80 -20.22 -1.38
C ALA B 444 -23.42 -20.62 -0.83
N GLN B 445 -23.35 -21.07 0.45
CA GLN B 445 -22.10 -21.51 1.09
C GLN B 445 -21.46 -22.69 0.35
N LYS B 446 -22.26 -23.69 -0.06
CA LYS B 446 -21.78 -24.87 -0.80
C LYS B 446 -21.18 -24.46 -2.16
N LEU B 447 -21.83 -23.54 -2.89
CA LEU B 447 -21.36 -23.03 -4.18
C LEU B 447 -20.04 -22.25 -4.03
N ILE B 448 -19.93 -21.38 -3.00
CA ILE B 448 -18.72 -20.59 -2.72
C ILE B 448 -17.55 -21.51 -2.35
N VAL B 449 -17.80 -22.53 -1.50
CA VAL B 449 -16.80 -23.51 -1.08
C VAL B 449 -16.30 -24.37 -2.26
N SER B 450 -17.22 -24.98 -3.04
CA SER B 450 -16.87 -25.84 -4.17
C SER B 450 -16.20 -25.09 -5.33
N ASN B 451 -16.45 -23.78 -5.45
CA ASN B 451 -15.77 -22.95 -6.45
C ASN B 451 -14.39 -22.53 -5.97
N VAL B 452 -14.11 -22.74 -4.67
CA VAL B 452 -12.84 -22.42 -3.99
C VAL B 452 -12.50 -20.90 -4.19
N CYS B 453 -13.52 -20.05 -4.00
CA CYS B 453 -13.43 -18.58 -4.06
C CYS B 453 -12.63 -18.15 -2.81
N ALA B 454 -12.92 -18.78 -1.67
CA ALA B 454 -12.27 -18.51 -0.40
C ALA B 454 -12.02 -19.79 0.37
N ILE B 455 -10.88 -19.85 1.07
CA ILE B 455 -10.50 -21.00 1.87
C ILE B 455 -10.62 -20.59 3.33
N PRO B 456 -11.56 -21.21 4.09
CA PRO B 456 -11.70 -20.87 5.50
C PRO B 456 -10.57 -21.39 6.35
N LEU B 457 -10.20 -20.61 7.35
CA LEU B 457 -9.17 -21.02 8.29
C LEU B 457 -9.83 -21.13 9.66
N THR B 458 -9.34 -20.37 10.61
CA THR B 458 -9.89 -20.36 11.95
C THR B 458 -10.64 -19.07 12.21
N GLU B 459 -11.56 -19.10 13.17
CA GLU B 459 -12.22 -17.92 13.69
C GLU B 459 -11.66 -17.72 15.11
N ASN B 460 -11.43 -16.48 15.49
CA ASN B 460 -10.87 -16.20 16.81
C ASN B 460 -11.67 -15.21 17.59
N LEU B 461 -11.91 -15.54 18.88
CA LEU B 461 -12.54 -14.60 19.82
C LEU B 461 -11.52 -13.50 20.10
N GLY B 462 -11.99 -12.31 20.47
CA GLY B 462 -11.13 -11.18 20.83
C GLY B 462 -10.45 -11.47 22.17
N THR B 463 -9.17 -11.16 22.27
CA THR B 463 -8.38 -11.40 23.50
C THR B 463 -7.83 -10.11 24.06
N TRP B 464 -8.07 -9.90 25.34
CA TRP B 464 -7.71 -8.70 26.07
C TRP B 464 -7.33 -9.06 27.50
N ALA B 465 -6.47 -8.24 28.09
CA ALA B 465 -6.07 -8.39 29.48
C ALA B 465 -6.33 -7.07 30.18
N ARG B 466 -6.79 -7.15 31.43
CA ARG B 466 -7.03 -5.97 32.27
C ARG B 466 -6.42 -6.20 33.63
N LYS B 467 -6.07 -5.12 34.33
CA LYS B 467 -5.61 -5.20 35.70
C LYS B 467 -6.88 -5.41 36.55
N ASN B 468 -6.72 -6.10 37.68
CA ASN B 468 -7.77 -6.41 38.66
C ASN B 468 -8.60 -5.19 39.06
N LYS B 469 -7.92 -4.04 39.26
CA LYS B 469 -8.48 -2.76 39.68
C LYS B 469 -9.57 -2.22 38.72
N LEU B 470 -9.50 -2.57 37.43
CA LEU B 470 -10.48 -2.09 36.47
C LEU B 470 -11.75 -2.94 36.38
N GLY B 471 -12.89 -2.26 36.48
CA GLY B 471 -14.21 -2.85 36.33
C GLY B 471 -14.87 -2.31 35.08
N TRP B 472 -15.40 -3.21 34.22
CA TRP B 472 -16.10 -2.77 32.99
C TRP B 472 -17.41 -2.02 33.31
N GLY B 473 -18.02 -2.35 34.46
CA GLY B 473 -19.28 -1.76 34.91
C GLY B 473 -20.47 -2.59 34.50
N PHE B 474 -20.21 -3.75 33.87
CA PHE B 474 -21.18 -4.72 33.35
C PHE B 474 -20.40 -6.00 33.05
N GLU B 475 -21.11 -7.10 32.79
CA GLU B 475 -20.47 -8.37 32.42
C GLU B 475 -20.04 -8.30 30.96
N LEU B 476 -18.74 -8.48 30.68
CA LEU B 476 -18.24 -8.45 29.31
C LEU B 476 -18.27 -9.85 28.67
N LYS B 477 -19.25 -10.09 27.77
CA LYS B 477 -19.34 -11.35 27.03
C LYS B 477 -18.95 -11.09 25.57
N GLY B 478 -19.41 -9.95 25.05
CA GLY B 478 -19.17 -9.57 23.67
C GLY B 478 -19.31 -8.09 23.41
N SER B 479 -18.80 -7.68 22.26
CA SER B 479 -18.85 -6.32 21.75
C SER B 479 -18.60 -6.50 20.26
N PRO B 481 -17.09 -4.98 17.72
CA PRO B 481 -15.73 -4.97 17.15
C PRO B 481 -14.76 -6.04 17.72
N SER B 482 -15.21 -6.91 18.67
CA SER B 482 -14.42 -7.96 19.37
C SER B 482 -13.34 -7.31 20.26
N ALA B 483 -13.64 -6.09 20.72
CA ALA B 483 -12.77 -5.26 21.56
C ALA B 483 -13.59 -4.76 22.75
N PRO B 484 -13.01 -4.50 23.94
CA PRO B 484 -13.83 -4.05 25.08
C PRO B 484 -14.57 -2.75 24.80
N LEU B 485 -15.79 -2.65 25.33
CA LEU B 485 -16.58 -1.45 25.24
C LEU B 485 -16.36 -0.65 26.53
N ILE B 486 -15.96 0.62 26.40
CA ILE B 486 -15.77 1.51 27.54
C ILE B 486 -16.91 2.52 27.53
N THR B 487 -17.63 2.59 28.66
CA THR B 487 -18.82 3.43 28.80
C THR B 487 -18.70 4.30 30.04
N GLU B 488 -19.81 5.01 30.37
CA GLU B 488 -19.96 5.83 31.58
C GLU B 488 -19.91 4.97 32.87
N GLN B 489 -20.07 3.64 32.74
CA GLN B 489 -20.05 2.69 33.85
C GLN B 489 -18.65 2.10 34.16
N THR B 490 -17.69 2.21 33.21
CA THR B 490 -16.32 1.74 33.38
C THR B 490 -15.68 2.54 34.52
N TYR B 491 -14.99 1.86 35.45
CA TYR B 491 -14.43 2.51 36.63
C TYR B 491 -13.26 1.73 37.23
N PHE B 492 -12.50 2.39 38.11
CA PHE B 492 -11.42 1.77 38.88
C PHE B 492 -11.92 1.55 40.30
N LYS B 493 -11.73 0.33 40.82
CA LYS B 493 -12.12 -0.08 42.18
C LYS B 493 -11.17 0.56 43.20
N ASP B 494 -11.66 0.75 44.44
CA ASP B 494 -10.88 1.32 45.54
C ASP B 494 -9.84 0.32 46.07
#